data_5X5Y
#
_entry.id   5X5Y
#
_cell.length_a   69.952
_cell.length_b   159.868
_cell.length_c   166.786
_cell.angle_alpha   90.000
_cell.angle_beta   90.000
_cell.angle_gamma   90.000
#
_symmetry.space_group_name_H-M   'P 21 21 21'
#
loop_
_entity.id
_entity.type
_entity.pdbx_description
1 polymer 'Probable ATP-binding component of ABC transporter'
2 polymer 'Uncharacterized protein'
3 polymer 'Uncharacterized protein'
#
loop_
_entity_poly.entity_id
_entity_poly.type
_entity_poly.pdbx_seq_one_letter_code
_entity_poly.pdbx_strand_id
1 'polypeptide(L)'
;MATLKAQHLAKSYKGRQVVRDVSMSIDSGQIVGLLGPNGAGKTTCFYMIVGLVQADQGVVRIDEQNVTHLPMHGRARAGI
GYLPQEASIFRKLSVSDNIMAILETRSDLDRNGRKEALEGLLQEFHIHHIRDNLGMSLSGGERRRVEIARALASAPKFIL
LDEPFAGVDPISVGDIKQIIHHLKAKGIGILITDHNVRETLDICETAYIVNDGQLIAEGDAESILANDLVKEVYLGHEFR
LHHHHHH
;
B,A
2 'polypeptide(L)'
;MVKLDRYIGVTVFVAILAVLGVILGLALLFAFIDELNDISASYGIGDALRFIFLTAPRRAYDMLPMAALIGCLVGLGTLA
SNSELTIMRAAGVSLSRIVWAVMKPMLVLMLAGILVGEYVAPWTENIAQSGRALAQGGGDSQSSKRGLWHRQGREYIHIN
AVQPNGVLYGVTRYRFDEQRGLESASFAKRARFETDHWQLEEVTTTLLHPREKRSEVVKLPTERWDAQLSPQLLNTVVME
PEALSISGLWQYIHYLADQGLNNNRYWLAFWTKVLQPLVTAALVLMAISFIFGPLRSVTLGQRIFTGVLVGFVFRIAQDL
LGPSSLVFDFPPLLAVVIPASICALAGVWLLRRAG
;
G
3 'polypeptide(L)'
;MIVFRYLSREVLVTMSAVSAVLLVIIMSGRFIKYLAQAAQGLLDPGSLFLIMAFRIPGFLQLILPLGLFLGILLAYGRLY
LESEMTVLSATGMSQKRLLGYTMAPALLVAILVAWLSLFLAPQGINQFALLLNKQDTLTEFDTLVPGRFQAMRDGTRVTY
TEELSKDRGELAGIFISQKDLNSSNQERGISILVAEKGTQNIQADGSRYLILHNGYRYDGNPGQANYRAIQYDTYGVMLP
KPEASSEVSERDAVPTADLFGSDNPRYQAELQWRLSTPLLVFVVTLLAVPLSRVNPRQGRFLKLLPAILLYMGYLALLIA
VRGQLDKGKIPMAIGLWWVHGLFLAIGLLLFYWEPLRLKLAS
;
F
#
# COMPACT_ATOMS: atom_id res chain seq x y z
N ALA A 2 45.36 -10.33 13.73
CA ALA A 2 45.34 -10.44 12.28
C ALA A 2 45.67 -9.11 11.63
N THR A 3 45.35 -8.96 10.35
CA THR A 3 45.61 -7.72 9.62
C THR A 3 44.50 -7.50 8.62
N LEU A 4 43.71 -6.45 8.81
CA LEU A 4 42.66 -6.08 7.88
C LEU A 4 43.20 -4.98 6.97
N LYS A 5 43.00 -5.13 5.66
CA LYS A 5 43.55 -4.20 4.68
C LYS A 5 42.48 -3.77 3.68
N ALA A 6 42.52 -2.49 3.34
CA ALA A 6 41.66 -1.90 2.31
C ALA A 6 42.54 -1.02 1.42
N GLN A 7 42.87 -1.50 0.23
CA GLN A 7 43.83 -0.83 -0.65
C GLN A 7 43.08 -0.21 -1.83
N HIS A 8 43.28 1.09 -2.02
CA HIS A 8 42.78 1.86 -3.16
C HIS A 8 41.28 1.67 -3.37
N LEU A 9 40.52 1.99 -2.33
CA LEU A 9 39.08 1.96 -2.43
C LEU A 9 38.58 3.13 -3.26
N ALA A 10 37.59 2.88 -4.12
CA ALA A 10 37.05 3.90 -5.00
C ALA A 10 35.60 3.57 -5.30
N LYS A 11 34.71 4.54 -5.08
CA LYS A 11 33.28 4.40 -5.31
C LYS A 11 32.80 5.54 -6.20
N SER A 12 31.98 5.19 -7.20
CA SER A 12 31.39 6.17 -8.11
C SER A 12 29.90 6.28 -7.78
N TYR A 13 29.43 7.52 -7.63
CA TYR A 13 28.06 7.84 -7.22
C TYR A 13 27.49 8.90 -8.15
N LYS A 14 26.93 8.46 -9.28
CA LYS A 14 26.23 9.35 -10.22
C LYS A 14 27.16 10.47 -10.72
N GLY A 15 28.32 10.07 -11.26
CA GLY A 15 29.26 11.05 -11.76
C GLY A 15 30.14 11.66 -10.69
N ARG A 16 29.84 11.38 -9.43
CA ARG A 16 30.55 11.91 -8.27
C ARG A 16 31.37 10.82 -7.64
N GLN A 17 32.67 11.06 -7.50
CA GLN A 17 33.55 10.10 -6.83
C GLN A 17 33.58 10.50 -5.35
N VAL A 18 32.75 9.83 -4.55
CA VAL A 18 32.66 10.17 -3.13
C VAL A 18 33.96 9.81 -2.42
N VAL A 19 34.57 8.70 -2.81
CA VAL A 19 35.83 8.23 -2.26
C VAL A 19 36.66 7.68 -3.40
N ARG A 20 37.91 8.11 -3.51
CA ARG A 20 38.81 7.60 -4.53
C ARG A 20 40.17 7.29 -3.92
N ASP A 21 40.63 6.05 -4.12
CA ASP A 21 42.00 5.63 -3.79
C ASP A 21 42.34 5.91 -2.33
N VAL A 22 41.54 5.33 -1.44
CA VAL A 22 41.76 5.40 -0.01
C VAL A 22 42.25 4.04 0.47
N SER A 23 43.45 4.01 1.05
CA SER A 23 44.04 2.79 1.54
C SER A 23 44.34 2.91 3.03
N MET A 24 43.85 1.96 3.82
CA MET A 24 44.09 1.94 5.25
C MET A 24 44.11 0.49 5.71
N SER A 25 44.78 0.25 6.83
CA SER A 25 44.88 -1.08 7.40
C SER A 25 44.73 -0.97 8.92
N ILE A 26 44.10 -1.98 9.51
CA ILE A 26 43.85 -2.02 10.94
C ILE A 26 44.19 -3.42 11.45
N ASP A 27 44.97 -3.48 12.52
CA ASP A 27 45.43 -4.74 13.09
C ASP A 27 44.67 -5.05 14.37
N SER A 28 44.69 -6.32 14.75
CA SER A 28 43.99 -6.77 15.95
C SER A 28 44.63 -6.19 17.20
N GLY A 29 43.78 -5.69 18.10
CA GLY A 29 44.23 -5.14 19.36
C GLY A 29 44.43 -3.64 19.40
N GLN A 30 44.13 -2.93 18.31
CA GLN A 30 44.27 -1.48 18.28
C GLN A 30 42.94 -0.84 17.90
N ILE A 31 42.73 0.37 18.41
CA ILE A 31 41.50 1.12 18.17
C ILE A 31 41.79 2.15 17.08
N VAL A 32 41.18 1.95 15.91
CA VAL A 32 41.41 2.80 14.75
C VAL A 32 40.17 3.64 14.48
N GLY A 33 40.37 4.93 14.24
CA GLY A 33 39.25 5.81 13.95
C GLY A 33 39.16 6.20 12.49
N LEU A 34 37.99 6.70 12.07
CA LEU A 34 37.79 7.18 10.70
C LEU A 34 36.96 8.45 10.79
N LEU A 35 37.53 9.57 10.38
CA LEU A 35 36.89 10.86 10.55
C LEU A 35 37.08 11.70 9.30
N GLY A 36 36.43 12.86 9.28
CA GLY A 36 36.50 13.77 8.16
C GLY A 36 35.18 14.44 7.89
N PRO A 37 35.13 15.30 6.87
CA PRO A 37 33.86 15.93 6.50
C PRO A 37 32.84 14.91 6.01
N ASN A 38 31.57 15.31 6.06
CA ASN A 38 30.50 14.39 5.70
C ASN A 38 30.49 14.08 4.20
N GLY A 39 30.74 15.09 3.36
CA GLY A 39 30.82 14.88 1.93
C GLY A 39 31.97 13.98 1.50
N ALA A 40 32.97 13.80 2.35
CA ALA A 40 34.12 12.98 2.02
C ALA A 40 33.74 11.50 1.97
N GLY A 41 34.71 10.68 1.59
CA GLY A 41 34.54 9.24 1.52
C GLY A 41 34.52 8.51 2.84
N LYS A 42 34.39 9.25 3.94
CA LYS A 42 34.29 8.61 5.25
C LYS A 42 33.03 7.75 5.35
N THR A 43 31.89 8.31 4.94
CA THR A 43 30.61 7.61 5.12
C THR A 43 30.49 6.45 4.15
N THR A 44 30.79 6.68 2.87
CA THR A 44 30.66 5.61 1.89
C THR A 44 31.78 4.58 2.07
N CYS A 45 32.98 5.05 2.38
CA CYS A 45 34.13 4.16 2.53
C CYS A 45 33.96 3.23 3.73
N PHE A 46 33.47 3.77 4.86
CA PHE A 46 33.23 2.90 6.02
C PHE A 46 32.29 1.77 5.67
N TYR A 47 31.21 2.07 4.94
CA TYR A 47 30.29 1.02 4.50
C TYR A 47 30.95 0.07 3.51
N MET A 48 31.85 0.60 2.66
CA MET A 48 32.60 -0.26 1.76
C MET A 48 33.51 -1.21 2.53
N ILE A 49 33.90 -0.86 3.75
CA ILE A 49 34.64 -1.79 4.59
C ILE A 49 33.68 -2.78 5.25
N VAL A 50 32.53 -2.28 5.72
CA VAL A 50 31.55 -3.17 6.35
C VAL A 50 30.91 -4.08 5.32
N GLY A 51 30.76 -3.62 4.08
CA GLY A 51 30.12 -4.38 3.03
C GLY A 51 28.71 -3.95 2.69
N LEU A 52 28.14 -2.98 3.44
CA LEU A 52 26.80 -2.50 3.12
C LEU A 52 26.77 -1.80 1.76
N VAL A 53 27.83 -1.08 1.42
CA VAL A 53 27.96 -0.41 0.13
C VAL A 53 29.02 -1.14 -0.67
N GLN A 54 28.66 -1.62 -1.85
CA GLN A 54 29.59 -2.34 -2.71
C GLN A 54 30.57 -1.36 -3.36
N ALA A 55 31.86 -1.65 -3.22
CA ALA A 55 32.90 -0.80 -3.77
C ALA A 55 33.01 -1.01 -5.27
N ASP A 56 32.91 0.08 -6.04
CA ASP A 56 33.07 -0.02 -7.48
C ASP A 56 34.48 -0.46 -7.84
N GLN A 57 35.49 0.07 -7.15
CA GLN A 57 36.87 -0.34 -7.39
C GLN A 57 37.62 -0.28 -6.06
N GLY A 58 38.52 -1.24 -5.86
CA GLY A 58 39.31 -1.33 -4.66
C GLY A 58 39.42 -2.74 -4.13
N VAL A 59 40.27 -2.97 -3.13
CA VAL A 59 40.48 -4.29 -2.56
C VAL A 59 40.24 -4.22 -1.05
N VAL A 60 39.49 -5.20 -0.53
CA VAL A 60 39.25 -5.35 0.90
C VAL A 60 39.54 -6.80 1.26
N ARG A 61 40.60 -7.03 2.03
CA ARG A 61 41.00 -8.37 2.43
C ARG A 61 41.30 -8.43 3.91
N ILE A 62 40.83 -9.48 4.56
CA ILE A 62 41.14 -9.77 5.96
C ILE A 62 42.17 -10.89 6.01
N ASP A 63 43.41 -10.54 6.39
CA ASP A 63 44.50 -11.51 6.59
C ASP A 63 44.79 -12.27 5.29
N GLU A 64 45.14 -11.51 4.25
CA GLU A 64 45.55 -12.03 2.95
C GLU A 64 44.43 -12.79 2.23
N GLN A 65 43.21 -12.76 2.77
CA GLN A 65 42.06 -13.45 2.19
C GLN A 65 41.09 -12.39 1.68
N ASN A 66 40.89 -12.35 0.36
CA ASN A 66 40.01 -11.35 -0.22
C ASN A 66 38.57 -11.61 0.21
N VAL A 67 37.94 -10.60 0.80
CA VAL A 67 36.61 -10.71 1.36
C VAL A 67 35.76 -9.56 0.83
N THR A 68 36.18 -8.98 -0.29
CA THR A 68 35.58 -7.74 -0.76
C THR A 68 34.17 -7.96 -1.31
N HIS A 69 34.05 -8.77 -2.36
CA HIS A 69 32.80 -8.87 -3.12
C HIS A 69 32.04 -10.16 -2.85
N LEU A 70 32.09 -10.66 -1.62
CA LEU A 70 31.26 -11.76 -1.16
C LEU A 70 30.21 -11.23 -0.19
N PRO A 71 29.13 -11.97 0.05
CA PRO A 71 28.06 -11.46 0.92
C PRO A 71 28.55 -11.13 2.32
N MET A 72 27.71 -10.40 3.04
CA MET A 72 28.08 -9.92 4.37
C MET A 72 28.31 -11.07 5.36
N HIS A 73 27.54 -12.16 5.21
CA HIS A 73 27.72 -13.28 6.12
C HIS A 73 29.09 -13.93 5.96
N GLY A 74 29.64 -13.93 4.74
CA GLY A 74 30.99 -14.42 4.55
C GLY A 74 32.02 -13.58 5.27
N ARG A 75 31.88 -12.25 5.19
CA ARG A 75 32.72 -11.36 5.98
C ARG A 75 32.57 -11.65 7.46
N ALA A 76 31.36 -12.01 7.88
CA ALA A 76 31.15 -12.37 9.29
C ALA A 76 31.90 -13.64 9.66
N ARG A 77 31.94 -14.62 8.76
CA ARG A 77 32.66 -15.85 9.04
C ARG A 77 34.16 -15.61 9.05
N ALA A 78 34.65 -14.71 8.20
CA ALA A 78 36.08 -14.39 8.19
C ALA A 78 36.53 -13.72 9.49
N GLY A 79 35.61 -13.18 10.27
CA GLY A 79 35.94 -12.50 11.52
C GLY A 79 35.48 -11.07 11.60
N ILE A 80 34.92 -10.52 10.52
CA ILE A 80 34.50 -9.11 10.51
C ILE A 80 33.11 -9.03 11.13
N GLY A 81 33.02 -8.40 12.30
CA GLY A 81 31.75 -8.15 12.95
C GLY A 81 31.33 -6.69 12.78
N TYR A 82 30.02 -6.47 12.82
CA TYR A 82 29.46 -5.13 12.65
C TYR A 82 28.52 -4.82 13.80
N LEU A 83 28.49 -3.56 14.21
CA LEU A 83 27.61 -3.10 15.29
C LEU A 83 27.04 -1.73 14.92
N PRO A 84 25.81 -1.67 14.46
CA PRO A 84 25.21 -0.37 14.09
C PRO A 84 24.87 0.45 15.33
N GLN A 85 24.49 1.70 15.07
CA GLN A 85 24.18 2.63 16.17
C GLN A 85 22.78 2.42 16.71
N GLU A 86 21.81 2.14 15.83
CA GLU A 86 20.42 2.03 16.25
C GLU A 86 20.22 0.78 17.10
N ALA A 87 19.02 0.69 17.69
CA ALA A 87 18.68 -0.48 18.48
C ALA A 87 18.66 -1.72 17.61
N SER A 88 19.48 -2.71 17.98
CA SER A 88 19.57 -3.96 17.23
C SER A 88 19.30 -5.16 18.12
N ILE A 89 18.68 -4.95 19.27
CA ILE A 89 18.42 -6.02 20.22
C ILE A 89 17.19 -6.80 19.76
N PHE A 90 17.21 -8.10 20.01
CA PHE A 90 16.05 -8.95 19.75
C PHE A 90 14.98 -8.62 20.78
N ARG A 91 14.02 -7.79 20.40
CA ARG A 91 13.08 -7.23 21.36
C ARG A 91 12.22 -8.33 21.99
N LYS A 92 12.02 -9.43 21.28
CA LYS A 92 11.17 -10.51 21.74
C LYS A 92 11.94 -11.61 22.48
N LEU A 93 13.27 -11.55 22.49
CA LEU A 93 14.10 -12.56 23.14
C LEU A 93 14.81 -11.96 24.34
N SER A 94 15.00 -12.78 25.37
CA SER A 94 15.65 -12.34 26.59
C SER A 94 17.15 -12.14 26.34
N VAL A 95 17.85 -11.68 27.37
CA VAL A 95 19.28 -11.43 27.23
C VAL A 95 20.03 -12.75 27.01
N SER A 96 19.74 -13.74 27.85
CA SER A 96 20.33 -15.07 27.65
C SER A 96 19.95 -15.66 26.30
N ASP A 97 18.75 -15.35 25.81
CA ASP A 97 18.38 -15.77 24.45
C ASP A 97 19.04 -14.90 23.39
N ASN A 98 19.33 -13.63 23.71
CA ASN A 98 20.07 -12.78 22.77
C ASN A 98 21.47 -13.30 22.56
N ILE A 99 22.14 -13.75 23.62
CA ILE A 99 23.51 -14.23 23.51
C ILE A 99 23.56 -15.68 23.03
N MET A 100 22.70 -16.53 23.59
CA MET A 100 22.68 -17.93 23.16
C MET A 100 22.21 -18.08 21.72
N ALA A 101 21.27 -17.23 21.29
CA ALA A 101 20.75 -17.32 19.93
C ALA A 101 21.85 -17.20 18.89
N ILE A 102 22.81 -16.31 19.14
CA ILE A 102 23.95 -16.18 18.25
C ILE A 102 25.06 -17.17 18.58
N LEU A 103 25.15 -17.60 19.86
CA LEU A 103 26.13 -18.62 20.22
C LEU A 103 25.88 -19.93 19.50
N GLU A 104 24.62 -20.25 19.21
CA GLU A 104 24.31 -21.48 18.51
C GLU A 104 24.82 -21.48 17.07
N THR A 105 25.13 -20.30 16.53
CA THR A 105 25.68 -20.23 15.17
C THR A 105 27.17 -20.54 15.12
N ARG A 106 27.86 -20.48 16.26
CA ARG A 106 29.30 -20.78 16.28
C ARG A 106 29.54 -22.23 15.93
N SER A 107 30.39 -22.46 14.93
CA SER A 107 30.66 -23.81 14.45
C SER A 107 31.42 -24.64 15.48
N ASP A 108 32.43 -24.05 16.13
CA ASP A 108 33.35 -24.81 16.97
C ASP A 108 32.92 -24.83 18.44
N LEU A 109 31.75 -25.39 18.70
CA LEU A 109 31.32 -25.44 20.10
C LEU A 109 30.42 -26.62 20.36
N ASP A 110 30.32 -26.94 21.64
CA ASP A 110 29.40 -27.95 22.17
C ASP A 110 28.60 -27.27 23.28
N ARG A 111 27.55 -27.98 23.70
CA ARG A 111 26.63 -27.45 24.70
C ARG A 111 27.34 -27.05 25.98
N ASN A 112 28.39 -27.80 26.38
CA ASN A 112 29.24 -27.33 27.47
C ASN A 112 29.90 -26.01 27.11
N GLY A 113 30.43 -25.92 25.89
CA GLY A 113 31.06 -24.68 25.46
C GLY A 113 30.07 -23.55 25.23
N ARG A 114 28.89 -23.88 24.71
CA ARG A 114 27.88 -22.86 24.45
C ARG A 114 27.31 -22.29 25.75
N LYS A 115 27.02 -23.17 26.73
CA LYS A 115 26.53 -22.69 28.02
C LYS A 115 27.64 -21.99 28.80
N GLU A 116 28.86 -22.52 28.71
CA GLU A 116 30.01 -21.87 29.36
C GLU A 116 30.23 -20.48 28.80
N ALA A 117 30.12 -20.33 27.49
CA ALA A 117 30.29 -19.03 26.86
C ALA A 117 29.11 -18.12 27.18
N LEU A 118 27.90 -18.67 27.26
CA LEU A 118 26.74 -17.88 27.64
C LEU A 118 26.90 -17.31 29.04
N GLU A 119 27.21 -18.17 30.02
CA GLU A 119 27.40 -17.69 31.39
C GLU A 119 28.60 -16.76 31.48
N GLY A 120 29.68 -17.07 30.75
CA GLY A 120 30.86 -16.22 30.78
C GLY A 120 30.59 -14.83 30.25
N LEU A 121 29.82 -14.73 29.17
CA LEU A 121 29.48 -13.42 28.61
C LEU A 121 28.45 -12.70 29.47
N LEU A 122 27.55 -13.44 30.11
CA LEU A 122 26.57 -12.81 31.01
C LEU A 122 27.25 -12.21 32.22
N GLN A 123 28.05 -13.01 32.94
CA GLN A 123 28.79 -12.52 34.09
C GLN A 123 29.94 -11.62 33.70
N GLU A 124 30.32 -11.59 32.43
CA GLU A 124 31.43 -10.75 31.99
C GLU A 124 31.01 -9.29 31.86
N PHE A 125 29.81 -9.06 31.34
CA PHE A 125 29.28 -7.70 31.18
C PHE A 125 28.33 -7.32 32.31
N HIS A 126 28.25 -8.15 33.36
CA HIS A 126 27.42 -7.88 34.53
C HIS A 126 25.95 -7.72 34.15
N ILE A 127 25.51 -8.53 33.19
CA ILE A 127 24.11 -8.56 32.77
C ILE A 127 23.42 -9.83 33.24
N HIS A 128 23.94 -10.45 34.30
CA HIS A 128 23.39 -11.71 34.78
C HIS A 128 22.04 -11.52 35.46
N HIS A 129 21.75 -10.33 35.97
CA HIS A 129 20.48 -10.10 36.64
C HIS A 129 19.34 -9.85 35.66
N ILE A 130 19.63 -9.43 34.44
CA ILE A 130 18.60 -9.20 33.44
C ILE A 130 18.61 -10.32 32.40
N ARG A 131 19.07 -11.52 32.79
CA ARG A 131 19.11 -12.64 31.87
C ARG A 131 17.71 -13.08 31.43
N ASP A 132 16.69 -12.67 32.16
CA ASP A 132 15.31 -13.02 31.83
C ASP A 132 14.55 -11.87 31.17
N ASN A 133 14.97 -10.63 31.38
CA ASN A 133 14.28 -9.49 30.79
C ASN A 133 14.40 -9.52 29.28
N LEU A 134 13.29 -9.20 28.60
CA LEU A 134 13.28 -9.16 27.15
C LEU A 134 14.08 -7.96 26.64
N GLY A 135 14.26 -7.92 25.32
CA GLY A 135 14.99 -6.82 24.72
C GLY A 135 14.31 -5.48 24.90
N MET A 136 13.00 -5.44 24.60
CA MET A 136 12.25 -4.19 24.69
C MET A 136 12.14 -3.67 26.11
N SER A 137 12.41 -4.49 27.11
CA SER A 137 12.32 -4.06 28.51
C SER A 137 13.60 -3.40 29.02
N LEU A 138 14.73 -3.63 28.37
CA LEU A 138 15.99 -3.09 28.85
C LEU A 138 16.09 -1.60 28.56
N SER A 139 16.94 -0.93 29.33
CA SER A 139 17.27 0.47 29.07
C SER A 139 18.31 0.55 27.96
N GLY A 140 18.77 1.77 27.68
CA GLY A 140 19.72 1.96 26.59
C GLY A 140 21.08 1.36 26.89
N GLY A 141 21.64 1.70 28.05
CA GLY A 141 22.96 1.18 28.41
C GLY A 141 23.00 -0.33 28.42
N GLU A 142 22.04 -0.96 29.11
CA GLU A 142 21.98 -2.42 29.14
C GLU A 142 21.80 -2.99 27.74
N ARG A 143 21.00 -2.32 26.90
CA ARG A 143 20.86 -2.71 25.50
C ARG A 143 22.21 -2.80 24.81
N ARG A 144 22.99 -1.71 24.84
CA ARG A 144 24.30 -1.73 24.21
C ARG A 144 25.21 -2.77 24.85
N ARG A 145 25.06 -3.00 26.15
CA ARG A 145 25.86 -3.99 26.86
C ARG A 145 25.62 -5.40 26.32
N VAL A 146 24.34 -5.79 26.18
CA VAL A 146 24.04 -7.11 25.64
C VAL A 146 24.34 -7.17 24.14
N GLU A 147 24.29 -6.03 23.45
CA GLU A 147 24.70 -6.01 22.04
C GLU A 147 26.18 -6.35 21.91
N ILE A 148 27.03 -5.71 22.72
CA ILE A 148 28.45 -6.05 22.74
C ILE A 148 28.64 -7.51 23.13
N ALA A 149 27.84 -7.99 24.10
CA ALA A 149 27.94 -9.39 24.51
C ALA A 149 27.66 -10.33 23.34
N ARG A 150 26.65 -10.02 22.53
CA ARG A 150 26.34 -10.81 21.35
C ARG A 150 27.46 -10.73 20.33
N ALA A 151 27.98 -9.52 20.08
CA ALA A 151 29.11 -9.34 19.18
C ALA A 151 30.27 -10.24 19.57
N LEU A 152 30.56 -10.32 20.87
CA LEU A 152 31.58 -11.25 21.34
C LEU A 152 31.13 -12.69 21.20
N ALA A 153 29.81 -12.93 21.24
CA ALA A 153 29.31 -14.30 21.09
C ALA A 153 29.45 -14.79 19.65
N SER A 154 29.69 -13.90 18.69
CA SER A 154 30.03 -14.36 17.35
C SER A 154 31.50 -14.72 17.20
N ALA A 155 32.32 -14.46 18.22
CA ALA A 155 33.76 -14.73 18.19
C ALA A 155 34.45 -14.07 17.00
N PRO A 156 34.43 -12.75 16.90
CA PRO A 156 35.09 -12.08 15.77
C PRO A 156 36.54 -11.74 16.05
N LYS A 157 37.30 -11.54 14.97
CA LYS A 157 38.66 -11.02 15.06
C LYS A 157 38.71 -9.52 14.82
N PHE A 158 37.62 -8.92 14.36
CA PHE A 158 37.54 -7.48 14.18
C PHE A 158 36.09 -7.07 14.44
N ILE A 159 35.92 -5.87 15.00
CA ILE A 159 34.60 -5.32 15.26
C ILE A 159 34.53 -3.92 14.67
N LEU A 160 33.45 -3.63 13.97
CA LEU A 160 33.23 -2.34 13.32
C LEU A 160 32.07 -1.66 14.04
N LEU A 161 32.42 -0.76 14.96
CA LEU A 161 31.42 0.02 15.68
C LEU A 161 30.98 1.20 14.83
N ASP A 162 29.67 1.42 14.77
CA ASP A 162 29.09 2.49 13.97
C ASP A 162 28.46 3.50 14.92
N GLU A 163 29.04 4.69 15.00
CA GLU A 163 28.55 5.77 15.84
C GLU A 163 28.39 5.32 17.29
N PRO A 164 29.48 4.93 17.97
CA PRO A 164 29.32 4.46 19.36
C PRO A 164 28.82 5.53 20.31
N PHE A 165 29.41 6.73 20.25
CA PHE A 165 29.02 7.83 21.15
C PHE A 165 27.90 8.68 20.54
N ALA A 166 26.88 8.01 20.01
CA ALA A 166 25.70 8.67 19.45
C ALA A 166 24.59 8.75 20.50
N GLY A 167 24.17 9.97 20.84
CA GLY A 167 23.06 10.10 21.77
C GLY A 167 23.36 9.59 23.16
N VAL A 168 24.61 9.63 23.57
CA VAL A 168 25.04 9.11 24.86
C VAL A 168 25.31 10.26 25.83
N ASP A 169 24.86 10.08 27.07
CA ASP A 169 25.09 11.07 28.11
C ASP A 169 26.57 11.08 28.51
N PRO A 170 27.08 12.24 28.94
CA PRO A 170 28.50 12.30 29.34
C PRO A 170 28.87 11.35 30.47
N ILE A 171 27.90 10.86 31.24
CA ILE A 171 28.22 9.90 32.28
C ILE A 171 28.48 8.51 31.71
N SER A 172 27.87 8.17 30.59
CA SER A 172 27.99 6.84 30.01
C SER A 172 29.16 6.70 29.05
N VAL A 173 29.78 7.81 28.63
CA VAL A 173 30.91 7.72 27.72
C VAL A 173 32.07 6.98 28.39
N GLY A 174 32.24 7.18 29.70
CA GLY A 174 33.27 6.44 30.42
C GLY A 174 33.00 4.94 30.43
N ASP A 175 31.72 4.56 30.54
CA ASP A 175 31.37 3.15 30.45
C ASP A 175 31.68 2.61 29.05
N ILE A 176 31.39 3.41 28.02
CA ILE A 176 31.74 3.00 26.67
C ILE A 176 33.24 2.79 26.54
N LYS A 177 34.03 3.70 27.10
CA LYS A 177 35.48 3.54 27.08
C LYS A 177 35.90 2.26 27.80
N GLN A 178 35.22 1.94 28.92
CA GLN A 178 35.57 0.76 29.67
C GLN A 178 35.27 -0.52 28.90
N ILE A 179 34.11 -0.59 28.23
CA ILE A 179 33.78 -1.79 27.49
C ILE A 179 34.62 -1.93 26.23
N ILE A 180 34.97 -0.80 25.59
CA ILE A 180 35.82 -0.89 24.40
C ILE A 180 37.24 -1.30 24.79
N HIS A 181 37.71 -0.83 25.95
CA HIS A 181 38.98 -1.33 26.46
C HIS A 181 38.88 -2.81 26.82
N HIS A 182 37.71 -3.25 27.28
CA HIS A 182 37.50 -4.67 27.50
C HIS A 182 37.68 -5.44 26.20
N LEU A 183 37.11 -4.94 25.11
CA LEU A 183 37.27 -5.57 23.80
C LEU A 183 38.73 -5.56 23.35
N LYS A 184 39.44 -4.47 23.63
CA LYS A 184 40.85 -4.39 23.25
C LYS A 184 41.67 -5.42 24.01
N ALA A 185 41.34 -5.68 25.27
CA ALA A 185 42.10 -6.65 26.06
C ALA A 185 41.93 -8.08 25.56
N LYS A 186 41.03 -8.33 24.60
CA LYS A 186 40.83 -9.66 24.05
C LYS A 186 41.56 -9.87 22.73
N GLY A 187 42.36 -8.90 22.29
CA GLY A 187 43.09 -9.06 21.05
C GLY A 187 42.23 -8.96 19.80
N ILE A 188 41.11 -8.25 19.87
CA ILE A 188 40.20 -8.09 18.75
C ILE A 188 40.30 -6.67 18.24
N GLY A 189 40.48 -6.51 16.92
CA GLY A 189 40.52 -5.19 16.33
C GLY A 189 39.21 -4.45 16.50
N ILE A 190 39.31 -3.12 16.48
CA ILE A 190 38.17 -2.24 16.68
C ILE A 190 38.28 -1.05 15.75
N LEU A 191 37.27 -0.83 14.92
CA LEU A 191 37.20 0.35 14.06
C LEU A 191 36.02 1.20 14.51
N ILE A 192 36.29 2.48 14.80
CA ILE A 192 35.30 3.39 15.35
C ILE A 192 35.15 4.58 14.41
N THR A 193 33.92 4.91 14.05
CA THR A 193 33.60 6.13 13.33
C THR A 193 32.46 6.84 14.04
N ASP A 194 32.58 8.15 14.19
CA ASP A 194 31.61 8.92 14.97
C ASP A 194 31.90 10.40 14.73
N HIS A 195 30.98 11.24 15.19
CA HIS A 195 31.14 12.69 15.13
C HIS A 195 31.71 13.29 16.41
N ASN A 196 31.74 12.52 17.51
CA ASN A 196 32.31 12.99 18.77
C ASN A 196 33.83 12.83 18.68
N VAL A 197 34.47 13.84 18.09
CA VAL A 197 35.89 13.74 17.77
C VAL A 197 36.76 13.70 19.02
N ARG A 198 36.37 14.41 20.09
CA ARG A 198 37.20 14.48 21.28
C ARG A 198 37.37 13.12 21.94
N GLU A 199 36.26 12.44 22.23
CA GLU A 199 36.36 11.11 22.84
C GLU A 199 36.89 10.08 21.86
N THR A 200 36.53 10.19 20.57
CA THR A 200 37.02 9.25 19.57
C THR A 200 38.53 9.29 19.49
N LEU A 201 39.10 10.47 19.26
CA LEU A 201 40.55 10.60 19.27
C LEU A 201 41.15 10.29 20.63
N ASP A 202 40.37 10.51 21.70
CA ASP A 202 40.82 10.16 23.04
C ASP A 202 40.99 8.65 23.20
N ILE A 203 40.20 7.86 22.47
CA ILE A 203 40.26 6.41 22.58
C ILE A 203 40.96 5.74 21.41
N CYS A 204 41.11 6.42 20.26
CA CYS A 204 41.71 5.82 19.08
C CYS A 204 43.21 6.03 19.08
N GLU A 205 43.94 4.99 18.70
CA GLU A 205 45.40 5.05 18.66
C GLU A 205 45.91 5.59 17.32
N THR A 206 45.46 5.04 16.20
CA THR A 206 45.93 5.42 14.87
C THR A 206 44.71 5.75 14.01
N ALA A 207 44.20 6.97 14.13
CA ALA A 207 43.04 7.41 13.38
C ALA A 207 43.43 7.93 12.00
N TYR A 208 42.48 7.82 11.07
CA TYR A 208 42.61 8.31 9.70
C TYR A 208 41.67 9.50 9.48
N ILE A 209 42.03 10.35 8.53
CA ILE A 209 41.22 11.51 8.17
C ILE A 209 41.10 11.58 6.65
N VAL A 210 39.86 11.57 6.15
CA VAL A 210 39.55 11.61 4.73
C VAL A 210 38.81 12.90 4.43
N ASN A 211 39.19 13.57 3.34
CA ASN A 211 38.54 14.80 2.92
C ASN A 211 38.36 14.79 1.40
N ASP A 212 37.18 15.23 0.95
CA ASP A 212 36.85 15.35 -0.47
C ASP A 212 37.19 14.07 -1.24
N GLY A 213 37.01 12.93 -0.59
CA GLY A 213 37.21 11.66 -1.25
C GLY A 213 38.52 10.97 -0.92
N GLN A 214 39.58 11.75 -0.75
CA GLN A 214 40.92 11.22 -0.56
C GLN A 214 41.36 11.34 0.89
N LEU A 215 42.13 10.36 1.34
CA LEU A 215 42.73 10.42 2.66
C LEU A 215 43.70 11.59 2.75
N ILE A 216 43.51 12.45 3.74
CA ILE A 216 44.36 13.62 3.91
C ILE A 216 45.26 13.52 5.14
N ALA A 217 44.93 12.67 6.11
CA ALA A 217 45.74 12.61 7.31
C ALA A 217 45.64 11.24 7.95
N GLU A 218 46.51 11.01 8.93
CA GLU A 218 46.63 9.74 9.62
C GLU A 218 47.53 9.96 10.83
N GLY A 219 47.40 9.07 11.82
CA GLY A 219 48.29 9.06 12.97
C GLY A 219 47.49 9.12 14.27
N ASP A 220 48.21 9.36 15.36
CA ASP A 220 47.58 9.35 16.66
C ASP A 220 46.82 10.66 16.88
N ALA A 221 46.26 10.84 18.08
CA ALA A 221 45.48 12.03 18.35
C ALA A 221 46.31 13.30 18.20
N GLU A 222 47.53 13.29 18.71
CA GLU A 222 48.37 14.49 18.61
C GLU A 222 48.84 14.75 17.19
N SER A 223 49.15 13.69 16.43
CA SER A 223 49.58 13.88 15.04
C SER A 223 48.49 14.53 14.20
N ILE A 224 47.22 14.23 14.50
CA ILE A 224 46.12 14.86 13.78
C ILE A 224 45.84 16.25 14.34
N LEU A 225 45.94 16.41 15.67
CA LEU A 225 45.77 17.73 16.26
C LEU A 225 46.84 18.71 15.78
N ALA A 226 48.01 18.20 15.41
CA ALA A 226 49.08 19.05 14.88
C ALA A 226 49.05 19.17 13.37
N ASN A 227 48.25 18.35 12.68
CA ASN A 227 48.17 18.46 11.23
C ASN A 227 47.42 19.72 10.84
N ASP A 228 47.98 20.47 9.90
CA ASP A 228 47.41 21.77 9.55
C ASP A 228 46.24 21.64 8.58
N LEU A 229 46.27 20.66 7.69
CA LEU A 229 45.18 20.51 6.71
C LEU A 229 43.89 20.11 7.40
N VAL A 230 43.95 19.18 8.36
CA VAL A 230 42.75 18.78 9.08
C VAL A 230 42.23 19.93 9.92
N LYS A 231 43.12 20.79 10.39
CA LYS A 231 42.70 22.00 11.06
C LYS A 231 42.08 22.99 10.08
N GLU A 232 42.48 22.93 8.81
CA GLU A 232 41.91 23.81 7.80
C GLU A 232 40.51 23.36 7.39
N VAL A 233 40.28 22.06 7.25
CA VAL A 233 39.04 21.57 6.66
C VAL A 233 38.11 20.87 7.64
N TYR A 234 38.59 20.47 8.82
CA TYR A 234 37.73 19.69 9.72
C TYR A 234 37.69 20.23 11.15
N LEU A 235 38.80 20.08 11.87
CA LEU A 235 38.83 20.47 13.28
C LEU A 235 38.73 21.98 13.46
N GLY A 236 39.40 22.74 12.61
CA GLY A 236 39.43 24.17 12.80
C GLY A 236 40.56 24.60 13.71
N HIS A 237 41.07 25.80 13.45
CA HIS A 237 42.15 26.39 14.24
C HIS A 237 41.71 26.69 15.66
N GLU A 238 40.43 26.47 15.98
CA GLU A 238 39.82 26.87 17.23
C GLU A 238 39.42 25.69 18.11
N PHE A 239 39.61 24.47 17.62
CA PHE A 239 39.21 23.26 18.33
C PHE A 239 40.30 22.84 19.30
N ARG A 240 39.94 22.71 20.57
CA ARG A 240 40.87 22.28 21.63
C ARG A 240 42.13 23.12 21.67
N ALA B 2 9.18 40.95 26.14
CA ALA B 2 8.63 39.64 25.89
C ALA B 2 9.35 38.57 26.72
N THR B 3 8.57 37.75 27.41
CA THR B 3 9.11 36.70 28.27
C THR B 3 8.15 35.52 28.22
N LEU B 4 8.64 34.38 27.73
CA LEU B 4 7.84 33.17 27.63
C LEU B 4 8.01 32.31 28.87
N LYS B 5 6.89 31.82 29.40
CA LYS B 5 6.88 31.02 30.60
C LYS B 5 6.09 29.73 30.34
N ALA B 6 6.59 28.63 30.88
CA ALA B 6 5.94 27.32 30.80
C ALA B 6 5.93 26.77 32.22
N GLN B 7 4.77 26.80 32.86
CA GLN B 7 4.64 26.53 34.28
C GLN B 7 4.03 25.15 34.50
N HIS B 8 4.74 24.33 35.29
CA HIS B 8 4.26 23.05 35.78
C HIS B 8 3.83 22.12 34.64
N LEU B 9 4.75 21.90 33.70
CA LEU B 9 4.53 20.96 32.61
C LEU B 9 4.68 19.54 33.10
N ALA B 10 3.80 18.64 32.61
CA ALA B 10 3.84 17.25 33.02
C ALA B 10 3.26 16.38 31.92
N LYS B 11 4.01 15.36 31.50
CA LYS B 11 3.53 14.42 30.50
C LYS B 11 3.66 13.02 31.07
N SER B 12 2.58 12.25 30.96
CA SER B 12 2.47 10.88 31.46
C SER B 12 2.37 9.90 30.30
N TYR B 13 3.07 8.77 30.40
CA TYR B 13 3.11 7.78 29.33
C TYR B 13 2.74 6.40 29.88
N LYS B 14 1.44 6.15 30.00
CA LYS B 14 0.88 4.82 30.30
C LYS B 14 1.49 4.22 31.57
N GLY B 15 1.31 4.94 32.68
CA GLY B 15 1.80 4.51 33.97
C GLY B 15 3.22 4.97 34.28
N ARG B 16 3.95 5.48 33.31
CA ARG B 16 5.27 6.06 33.55
C ARG B 16 5.16 7.55 33.29
N GLN B 17 5.49 8.34 34.31
CA GLN B 17 5.41 9.80 34.23
C GLN B 17 6.73 10.34 33.73
N VAL B 18 6.78 10.67 32.43
CA VAL B 18 8.02 11.12 31.83
C VAL B 18 8.44 12.48 32.38
N VAL B 19 7.48 13.39 32.61
CA VAL B 19 7.83 14.69 33.15
C VAL B 19 6.79 15.13 34.17
N ARG B 20 7.25 15.58 35.33
CA ARG B 20 6.41 16.10 36.40
C ARG B 20 6.99 17.42 36.91
N ASP B 21 6.15 18.45 36.95
CA ASP B 21 6.48 19.72 37.62
C ASP B 21 7.76 20.34 37.07
N VAL B 22 7.74 20.60 35.76
CA VAL B 22 8.82 21.29 35.06
C VAL B 22 8.34 22.69 34.69
N SER B 23 9.05 23.69 35.22
CA SER B 23 8.76 25.10 35.00
C SER B 23 10.00 25.76 34.38
N MET B 24 9.79 26.49 33.29
CA MET B 24 10.91 27.15 32.64
C MET B 24 10.49 28.50 32.11
N SER B 25 11.46 29.41 32.01
CA SER B 25 11.22 30.75 31.50
C SER B 25 12.36 31.15 30.59
N ILE B 26 12.03 31.88 29.52
CA ILE B 26 13.01 32.34 28.55
C ILE B 26 12.66 33.77 28.15
N ASP B 27 13.66 34.65 28.16
CA ASP B 27 13.46 36.05 27.82
C ASP B 27 13.99 36.31 26.43
N SER B 28 13.47 37.37 25.80
CA SER B 28 13.94 37.73 24.46
C SER B 28 15.37 38.23 24.54
N GLY B 29 16.23 37.71 23.67
CA GLY B 29 17.62 38.12 23.64
C GLY B 29 18.56 37.27 24.45
N GLN B 30 18.08 36.18 25.06
CA GLN B 30 18.92 35.30 25.85
C GLN B 30 18.85 33.87 25.28
N ILE B 31 19.94 33.14 25.46
CA ILE B 31 20.06 31.77 24.98
C ILE B 31 19.82 30.84 26.15
N VAL B 32 18.71 30.11 26.10
CA VAL B 32 18.31 29.20 27.17
C VAL B 32 18.49 27.77 26.70
N GLY B 33 19.13 26.95 27.52
CA GLY B 33 19.36 25.56 27.18
C GLY B 33 18.48 24.59 27.95
N LEU B 34 18.36 23.37 27.42
CA LEU B 34 17.61 22.30 28.07
C LEU B 34 18.35 20.99 27.87
N LEU B 35 18.80 20.38 28.97
CA LEU B 35 19.64 19.19 28.90
C LEU B 35 19.18 18.19 29.96
N GLY B 36 19.78 17.01 29.92
CA GLY B 36 19.46 15.95 30.84
C GLY B 36 19.53 14.58 30.19
N PRO B 37 19.26 13.53 30.97
CA PRO B 37 19.23 12.18 30.41
C PRO B 37 18.09 12.00 29.43
N ASN B 38 18.23 10.98 28.58
CA ASN B 38 17.23 10.74 27.54
C ASN B 38 15.92 10.23 28.15
N GLY B 39 16.01 9.34 29.14
CA GLY B 39 14.82 8.86 29.81
C GLY B 39 14.09 9.93 30.60
N ALA B 40 14.79 11.02 30.92
CA ALA B 40 14.20 12.12 31.66
C ALA B 40 13.26 12.92 30.75
N GLY B 41 12.60 13.91 31.32
CA GLY B 41 11.74 14.80 30.59
C GLY B 41 12.45 15.82 29.74
N LYS B 42 13.76 15.63 29.53
CA LYS B 42 14.53 16.55 28.70
C LYS B 42 14.00 16.59 27.28
N THR B 43 13.79 15.41 26.68
CA THR B 43 13.33 15.33 25.30
C THR B 43 11.85 15.69 25.19
N THR B 44 11.03 15.17 26.10
CA THR B 44 9.59 15.36 26.01
C THR B 44 9.18 16.80 26.30
N CYS B 45 9.85 17.46 27.25
CA CYS B 45 9.48 18.82 27.60
C CYS B 45 9.66 19.77 26.44
N PHE B 46 10.76 19.63 25.70
CA PHE B 46 10.99 20.47 24.54
C PHE B 46 9.87 20.34 23.53
N TYR B 47 9.42 19.10 23.27
CA TYR B 47 8.31 18.89 22.35
C TYR B 47 7.01 19.47 22.89
N MET B 48 6.80 19.38 24.22
CA MET B 48 5.63 20.01 24.81
C MET B 48 5.68 21.53 24.69
N ILE B 49 6.86 22.12 24.57
CA ILE B 49 6.95 23.56 24.34
C ILE B 49 6.74 23.89 22.86
N VAL B 50 7.31 23.10 21.96
CA VAL B 50 7.16 23.40 20.53
C VAL B 50 5.72 23.17 20.09
N GLY B 51 5.00 22.26 20.74
CA GLY B 51 3.65 21.92 20.35
C GLY B 51 3.53 20.60 19.62
N LEU B 52 4.64 19.94 19.33
CA LEU B 52 4.59 18.64 18.66
C LEU B 52 3.92 17.60 19.56
N VAL B 53 4.18 17.67 20.87
CA VAL B 53 3.57 16.79 21.85
C VAL B 53 2.62 17.63 22.70
N GLN B 54 1.36 17.21 22.74
CA GLN B 54 0.37 17.93 23.55
C GLN B 54 0.58 17.63 25.03
N ALA B 55 0.67 18.67 25.83
CA ALA B 55 0.87 18.52 27.26
C ALA B 55 -0.43 18.07 27.93
N ASP B 56 -0.37 16.96 28.66
CA ASP B 56 -1.56 16.47 29.36
C ASP B 56 -2.05 17.47 30.39
N GLN B 57 -1.12 18.06 31.16
CA GLN B 57 -1.46 19.07 32.15
C GLN B 57 -0.29 20.04 32.25
N GLY B 58 -0.63 21.32 32.48
CA GLY B 58 0.40 22.34 32.56
C GLY B 58 -0.01 23.63 31.86
N VAL B 59 0.80 24.66 31.99
CA VAL B 59 0.52 25.96 31.40
C VAL B 59 1.67 26.34 30.48
N VAL B 60 1.34 26.81 29.28
CA VAL B 60 2.32 27.31 28.32
C VAL B 60 1.82 28.66 27.84
N ARG B 61 2.55 29.73 28.19
CA ARG B 61 2.14 31.08 27.81
C ARG B 61 3.33 31.83 27.24
N ILE B 62 3.13 32.47 26.09
CA ILE B 62 4.10 33.40 25.52
C ILE B 62 3.54 34.81 25.70
N ASP B 63 4.11 35.56 26.63
CA ASP B 63 3.77 36.97 26.83
C ASP B 63 2.27 37.14 27.11
N GLU B 64 1.83 36.53 28.21
CA GLU B 64 0.47 36.61 28.74
C GLU B 64 -0.57 35.91 27.86
N GLN B 65 -0.17 35.25 26.79
CA GLN B 65 -1.10 34.56 25.91
C GLN B 65 -0.89 33.05 26.04
N ASN B 66 -1.91 32.37 26.57
CA ASN B 66 -1.87 30.93 26.74
C ASN B 66 -1.91 30.23 25.39
N VAL B 67 -0.96 29.33 25.16
CA VAL B 67 -0.84 28.66 23.86
C VAL B 67 -0.83 27.15 24.07
N THR B 68 -1.38 26.70 25.19
CA THR B 68 -1.35 25.28 25.52
C THR B 68 -2.26 24.47 24.61
N HIS B 69 -3.54 24.85 24.54
CA HIS B 69 -4.56 24.08 23.85
C HIS B 69 -4.88 24.64 22.48
N LEU B 70 -3.91 25.24 21.81
CA LEU B 70 -4.04 25.67 20.44
C LEU B 70 -3.17 24.82 19.52
N PRO B 71 -3.51 24.75 18.23
CA PRO B 71 -2.69 23.99 17.29
C PRO B 71 -1.29 24.59 17.19
N MET B 72 -0.40 23.84 16.54
CA MET B 72 0.98 24.31 16.41
C MET B 72 1.05 25.61 15.62
N HIS B 73 0.19 25.77 14.62
CA HIS B 73 0.15 27.01 13.86
C HIS B 73 -0.32 28.18 14.72
N GLY B 74 -1.19 27.92 15.69
CA GLY B 74 -1.59 28.97 16.61
C GLY B 74 -0.42 29.46 17.45
N ARG B 75 0.37 28.53 17.99
CA ARG B 75 1.61 28.91 18.64
C ARG B 75 2.55 29.64 17.69
N ALA B 76 2.52 29.27 16.40
CA ALA B 76 3.37 29.95 15.43
C ALA B 76 2.95 31.41 15.24
N ARG B 77 1.63 31.67 15.19
CA ARG B 77 1.17 33.04 15.10
C ARG B 77 1.42 33.80 16.38
N ALA B 78 1.34 33.12 17.53
CA ALA B 78 1.67 33.76 18.80
C ALA B 78 3.13 34.18 18.89
N GLY B 79 3.98 33.63 18.03
CA GLY B 79 5.39 33.96 18.02
C GLY B 79 6.33 32.78 18.16
N ILE B 80 5.83 31.57 18.36
CA ILE B 80 6.67 30.39 18.55
C ILE B 80 7.10 29.85 17.19
N GLY B 81 8.38 29.96 16.88
CA GLY B 81 8.96 29.34 15.70
C GLY B 81 9.71 28.08 16.11
N TYR B 82 9.77 27.13 15.18
CA TYR B 82 10.43 25.86 15.43
C TYR B 82 11.41 25.56 14.32
N LEU B 83 12.52 24.91 14.68
CA LEU B 83 13.54 24.54 13.70
C LEU B 83 14.02 23.13 14.01
N PRO B 84 13.52 22.12 13.31
CA PRO B 84 13.93 20.74 13.58
C PRO B 84 15.34 20.46 13.04
N GLN B 85 15.84 19.29 13.40
CA GLN B 85 17.17 18.88 12.98
C GLN B 85 17.18 18.32 11.56
N GLU B 86 16.14 17.57 11.19
CA GLU B 86 16.10 16.93 9.88
C GLU B 86 15.94 17.98 8.78
N ALA B 87 16.06 17.52 7.54
CA ALA B 87 15.89 18.39 6.38
C ALA B 87 14.46 18.94 6.33
N SER B 88 14.34 20.26 6.32
CA SER B 88 13.05 20.93 6.27
C SER B 88 12.94 21.86 5.06
N ILE B 89 13.81 21.68 4.09
CA ILE B 89 13.86 22.53 2.90
C ILE B 89 12.79 22.09 1.92
N PHE B 90 12.17 23.06 1.24
CA PHE B 90 11.26 22.76 0.14
C PHE B 90 12.12 22.32 -1.05
N ARG B 91 12.23 21.00 -1.25
CA ARG B 91 13.23 20.46 -2.16
C ARG B 91 12.98 20.83 -3.62
N LYS B 92 11.73 21.07 -4.01
CA LYS B 92 11.44 21.32 -5.42
C LYS B 92 11.42 22.80 -5.80
N LEU B 93 11.43 23.72 -4.84
CA LEU B 93 11.48 25.14 -5.15
C LEU B 93 12.78 25.73 -4.60
N SER B 94 13.26 26.77 -5.27
CA SER B 94 14.55 27.37 -4.96
C SER B 94 14.53 28.06 -3.60
N VAL B 95 15.70 28.58 -3.22
CA VAL B 95 15.87 29.22 -1.91
C VAL B 95 15.06 30.51 -1.83
N SER B 96 15.18 31.36 -2.85
CA SER B 96 14.38 32.59 -2.87
C SER B 96 12.89 32.29 -2.80
N ASP B 97 12.47 31.16 -3.36
CA ASP B 97 11.09 30.71 -3.19
C ASP B 97 10.85 30.17 -1.79
N ASN B 98 11.89 29.62 -1.15
CA ASN B 98 11.74 29.15 0.23
C ASN B 98 11.46 30.31 1.17
N ILE B 99 12.15 31.44 0.98
CA ILE B 99 11.95 32.57 1.88
C ILE B 99 10.74 33.39 1.47
N MET B 100 10.60 33.67 0.18
CA MET B 100 9.47 34.48 -0.27
C MET B 100 8.14 33.74 -0.06
N ALA B 101 8.15 32.41 -0.23
CA ALA B 101 6.92 31.63 -0.09
C ALA B 101 6.29 31.82 1.28
N ILE B 102 7.11 31.86 2.33
CA ILE B 102 6.59 32.10 3.67
C ILE B 102 6.46 33.59 3.96
N LEU B 103 7.27 34.43 3.31
CA LEU B 103 7.13 35.87 3.47
C LEU B 103 5.77 36.38 2.99
N GLU B 104 5.20 35.75 1.96
CA GLU B 104 3.89 36.17 1.47
C GLU B 104 2.79 35.90 2.48
N THR B 105 3.02 35.02 3.45
CA THR B 105 2.04 34.76 4.50
C THR B 105 2.06 35.82 5.59
N ARG B 106 3.14 36.60 5.67
CA ARG B 106 3.28 37.61 6.70
C ARG B 106 2.21 38.68 6.53
N SER B 107 1.42 38.90 7.58
CA SER B 107 0.34 39.88 7.52
C SER B 107 0.90 41.29 7.41
N ASP B 108 1.96 41.59 8.17
CA ASP B 108 2.48 42.95 8.27
C ASP B 108 3.63 43.20 7.29
N LEU B 109 3.31 43.07 5.99
CA LEU B 109 4.32 43.32 4.96
C LEU B 109 3.63 43.80 3.70
N ASP B 110 4.44 44.37 2.81
CA ASP B 110 4.02 44.83 1.49
C ASP B 110 4.91 44.16 0.45
N ARG B 111 4.47 44.23 -0.81
CA ARG B 111 5.24 43.59 -1.88
C ARG B 111 6.64 44.18 -1.97
N ASN B 112 6.76 45.49 -1.84
CA ASN B 112 8.06 46.12 -1.65
C ASN B 112 8.69 45.63 -0.36
N GLY B 113 7.88 45.49 0.69
CA GLY B 113 8.42 44.99 1.95
C GLY B 113 8.86 43.55 1.85
N ARG B 114 8.13 42.73 1.09
CA ARG B 114 8.54 41.34 0.93
C ARG B 114 9.82 41.23 0.11
N LYS B 115 9.97 42.05 -0.92
CA LYS B 115 11.22 41.99 -1.67
C LYS B 115 12.39 42.51 -0.85
N GLU B 116 12.17 43.58 -0.08
CA GLU B 116 13.24 44.11 0.78
C GLU B 116 13.64 43.10 1.84
N ALA B 117 12.67 42.44 2.47
CA ALA B 117 13.00 41.46 3.51
C ALA B 117 13.64 40.22 2.89
N LEU B 118 13.19 39.83 1.70
CA LEU B 118 13.79 38.70 1.00
C LEU B 118 15.27 38.97 0.72
N GLU B 119 15.57 40.13 0.13
CA GLU B 119 16.97 40.46 -0.16
C GLU B 119 17.78 40.58 1.13
N GLY B 120 17.18 41.15 2.18
CA GLY B 120 17.89 41.29 3.44
C GLY B 120 18.28 39.96 4.05
N LEU B 121 17.37 38.98 4.02
CA LEU B 121 17.70 37.67 4.55
C LEU B 121 18.64 36.90 3.62
N LEU B 122 18.52 37.12 2.31
CA LEU B 122 19.41 36.44 1.38
C LEU B 122 20.85 36.89 1.55
N GLN B 123 21.11 38.20 1.48
CA GLN B 123 22.47 38.69 1.69
C GLN B 123 22.89 38.65 3.15
N GLU B 124 21.97 38.45 4.08
CA GLU B 124 22.31 38.42 5.49
C GLU B 124 22.91 37.08 5.92
N PHE B 125 22.38 35.97 5.41
CA PHE B 125 22.84 34.64 5.77
C PHE B 125 23.82 34.04 4.75
N HIS B 126 24.35 34.87 3.84
CA HIS B 126 25.35 34.42 2.86
C HIS B 126 24.81 33.31 1.96
N ILE B 127 23.52 33.40 1.63
CA ILE B 127 22.90 32.47 0.68
C ILE B 127 22.54 33.19 -0.62
N HIS B 128 23.20 34.32 -0.90
CA HIS B 128 22.85 35.13 -2.07
C HIS B 128 23.30 34.48 -3.37
N HIS B 129 24.33 33.62 -3.33
CA HIS B 129 24.83 33.00 -4.56
C HIS B 129 24.03 31.77 -4.99
N ILE B 130 23.25 31.19 -4.08
CA ILE B 130 22.50 29.97 -4.40
C ILE B 130 21.02 30.27 -4.65
N ARG B 131 20.72 31.46 -5.17
CA ARG B 131 19.34 31.82 -5.47
C ARG B 131 18.72 30.93 -6.54
N ASP B 132 19.54 30.20 -7.30
CA ASP B 132 19.03 29.31 -8.35
C ASP B 132 19.00 27.85 -7.92
N ASN B 133 19.85 27.45 -6.99
CA ASN B 133 19.87 26.06 -6.55
C ASN B 133 18.57 25.70 -5.83
N LEU B 134 18.03 24.53 -6.16
CA LEU B 134 16.84 24.03 -5.48
C LEU B 134 17.22 23.59 -4.07
N GLY B 135 16.19 23.25 -3.28
CA GLY B 135 16.44 22.78 -1.93
C GLY B 135 17.24 21.49 -1.90
N MET B 136 16.81 20.50 -2.68
CA MET B 136 17.48 19.21 -2.70
C MET B 136 18.91 19.29 -3.26
N SER B 137 19.27 20.40 -3.89
CA SER B 137 20.61 20.55 -4.46
C SER B 137 21.62 21.09 -3.45
N LEU B 138 21.16 21.71 -2.36
CA LEU B 138 22.07 22.32 -1.40
C LEU B 138 22.80 21.27 -0.58
N SER B 139 23.95 21.67 -0.04
CA SER B 139 24.70 20.85 0.91
C SER B 139 24.09 21.02 2.30
N GLY B 140 24.72 20.43 3.31
CA GLY B 140 24.16 20.49 4.65
C GLY B 140 24.20 21.89 5.24
N GLY B 141 25.37 22.54 5.18
CA GLY B 141 25.49 23.88 5.73
C GLY B 141 24.52 24.86 5.10
N GLU B 142 24.47 24.89 3.77
CA GLU B 142 23.52 25.76 3.08
C GLU B 142 22.08 25.40 3.45
N ARG B 143 21.81 24.11 3.59
CA ARG B 143 20.49 23.66 4.04
C ARG B 143 20.10 24.33 5.35
N ARG B 144 20.93 24.15 6.38
CA ARG B 144 20.60 24.75 7.67
C ARG B 144 20.54 26.27 7.60
N ARG B 145 21.38 26.89 6.75
CA ARG B 145 21.33 28.35 6.63
C ARG B 145 19.98 28.82 6.10
N VAL B 146 19.49 28.19 5.03
CA VAL B 146 18.21 28.62 4.48
C VAL B 146 17.06 28.21 5.41
N GLU B 147 17.23 27.14 6.19
CA GLU B 147 16.22 26.79 7.19
C GLU B 147 16.11 27.88 8.24
N ILE B 148 17.23 28.31 8.81
CA ILE B 148 17.21 29.43 9.76
C ILE B 148 16.67 30.68 9.09
N ALA B 149 17.02 30.89 7.82
CA ALA B 149 16.53 32.06 7.09
C ALA B 149 15.01 32.09 7.02
N ARG B 150 14.39 30.94 6.75
CA ARG B 150 12.93 30.87 6.76
C ARG B 150 12.38 31.08 8.17
N ALA B 151 13.02 30.44 9.16
CA ALA B 151 12.59 30.61 10.55
C ALA B 151 12.53 32.09 10.93
N LEU B 152 13.54 32.87 10.55
CA LEU B 152 13.46 34.31 10.76
C LEU B 152 12.46 34.98 9.82
N ALA B 153 12.22 34.38 8.65
CA ALA B 153 11.27 34.94 7.70
C ALA B 153 9.82 34.80 8.18
N SER B 154 9.58 33.97 9.18
CA SER B 154 8.26 33.91 9.80
C SER B 154 8.04 35.01 10.84
N ALA B 155 9.07 35.81 11.13
CA ALA B 155 9.03 36.88 12.12
C ALA B 155 8.59 36.38 13.49
N PRO B 156 9.35 35.49 14.11
CA PRO B 156 8.95 34.97 15.42
C PRO B 156 9.48 35.82 16.57
N LYS B 157 8.84 35.67 17.72
CA LYS B 157 9.35 36.25 18.97
C LYS B 157 10.13 35.24 19.80
N PHE B 158 10.09 33.96 19.44
CA PHE B 158 10.90 32.93 20.04
C PHE B 158 11.19 31.87 18.99
N ILE B 159 12.36 31.25 19.11
CA ILE B 159 12.77 30.18 18.20
C ILE B 159 13.20 28.98 19.03
N LEU B 160 12.72 27.80 18.64
CA LEU B 160 12.99 26.56 19.34
C LEU B 160 13.84 25.68 18.40
N LEU B 161 15.16 25.72 18.62
CA LEU B 161 16.08 24.92 17.83
C LEU B 161 16.16 23.50 18.37
N ASP B 162 16.14 22.53 17.46
CA ASP B 162 16.18 21.11 17.80
C ASP B 162 17.48 20.51 17.26
N GLU B 163 18.38 20.16 18.17
CA GLU B 163 19.67 19.57 17.84
C GLU B 163 20.46 20.39 16.82
N PRO B 164 20.81 21.63 17.15
CA PRO B 164 21.61 22.43 16.21
C PRO B 164 23.01 21.88 15.99
N PHE B 165 23.69 21.47 17.06
CA PHE B 165 25.08 21.01 16.97
C PHE B 165 25.21 19.54 16.61
N ALA B 166 24.12 18.87 16.27
CA ALA B 166 24.20 17.44 16.00
C ALA B 166 24.59 17.21 14.55
N GLY B 167 25.66 16.46 14.35
CA GLY B 167 26.15 16.14 13.02
C GLY B 167 26.83 17.28 12.27
N VAL B 168 27.43 18.23 12.97
CA VAL B 168 28.17 19.32 12.34
C VAL B 168 29.65 19.09 12.59
N ASP B 169 30.47 19.35 11.57
CA ASP B 169 31.91 19.21 11.74
C ASP B 169 32.41 20.31 12.68
N PRO B 170 33.50 20.05 13.41
CA PRO B 170 34.00 21.05 14.38
C PRO B 170 34.32 22.40 13.74
N ILE B 171 34.47 22.46 12.42
CA ILE B 171 34.72 23.75 11.76
C ILE B 171 33.42 24.56 11.68
N SER B 172 32.27 23.89 11.64
CA SER B 172 30.98 24.56 11.50
C SER B 172 30.35 24.96 12.84
N VAL B 173 30.88 24.44 13.96
CA VAL B 173 30.31 24.78 15.27
C VAL B 173 30.42 26.27 15.53
N GLY B 174 31.53 26.89 15.12
CA GLY B 174 31.66 28.32 15.28
C GLY B 174 30.66 29.09 14.43
N ASP B 175 30.37 28.58 13.23
CA ASP B 175 29.36 29.21 12.39
C ASP B 175 27.98 29.11 13.03
N ILE B 176 27.65 27.95 13.59
CA ILE B 176 26.36 27.78 14.26
C ILE B 176 26.24 28.74 15.44
N LYS B 177 27.31 28.83 16.25
CA LYS B 177 27.30 29.77 17.37
C LYS B 177 27.15 31.21 16.87
N GLN B 178 27.79 31.54 15.75
CA GLN B 178 27.69 32.89 15.21
C GLN B 178 26.27 33.21 14.79
N ILE B 179 25.59 32.26 14.14
CA ILE B 179 24.22 32.52 13.69
C ILE B 179 23.27 32.59 14.89
N ILE B 180 23.53 31.78 15.91
CA ILE B 180 22.67 31.85 17.10
C ILE B 180 22.90 33.15 17.85
N HIS B 181 24.14 33.66 17.86
CA HIS B 181 24.38 34.99 18.41
C HIS B 181 23.72 36.08 17.59
N HIS B 182 23.62 35.89 16.27
CA HIS B 182 22.85 36.81 15.43
C HIS B 182 21.40 36.82 15.85
N LEU B 183 20.82 35.63 16.06
CA LEU B 183 19.44 35.53 16.55
C LEU B 183 19.32 36.19 17.92
N LYS B 184 20.38 36.10 18.74
CA LYS B 184 20.40 36.82 20.00
C LYS B 184 20.38 38.33 19.78
N ALA B 185 21.13 38.80 18.79
CA ALA B 185 21.20 40.23 18.48
C ALA B 185 19.92 40.75 17.86
N LYS B 186 18.99 39.88 17.47
CA LYS B 186 17.72 40.33 16.92
C LYS B 186 16.59 40.38 17.94
N GLY B 187 16.90 40.15 19.22
CA GLY B 187 15.89 40.23 20.25
C GLY B 187 14.89 39.11 20.25
N ILE B 188 15.25 37.95 19.71
CA ILE B 188 14.37 36.79 19.63
C ILE B 188 14.89 35.74 20.60
N GLY B 189 13.99 35.20 21.42
CA GLY B 189 14.38 34.14 22.32
C GLY B 189 14.85 32.90 21.58
N ILE B 190 15.67 32.11 22.26
CA ILE B 190 16.30 30.93 21.67
C ILE B 190 16.29 29.81 22.69
N LEU B 191 15.70 28.67 22.31
CA LEU B 191 15.70 27.48 23.14
C LEU B 191 16.53 26.40 22.43
N ILE B 192 17.53 25.88 23.11
CA ILE B 192 18.47 24.92 22.54
C ILE B 192 18.44 23.64 23.35
N THR B 193 18.25 22.52 22.69
CA THR B 193 18.37 21.19 23.29
C THR B 193 19.27 20.34 22.40
N ASP B 194 20.16 19.60 23.04
CA ASP B 194 21.16 18.83 22.30
C ASP B 194 21.84 17.87 23.27
N HIS B 195 22.59 16.93 22.69
CA HIS B 195 23.41 16.01 23.47
C HIS B 195 24.86 16.48 23.58
N ASN B 196 25.26 17.45 22.76
CA ASN B 196 26.61 18.02 22.84
C ASN B 196 26.59 19.07 23.95
N VAL B 197 26.81 18.59 25.18
CA VAL B 197 26.66 19.44 26.36
C VAL B 197 27.75 20.51 26.38
N ARG B 198 28.94 20.20 25.86
CA ARG B 198 30.05 21.13 25.90
C ARG B 198 29.75 22.40 25.12
N GLU B 199 29.35 22.25 23.85
CA GLU B 199 29.08 23.42 23.03
C GLU B 199 27.83 24.16 23.47
N THR B 200 26.80 23.41 23.88
CA THR B 200 25.56 24.04 24.35
C THR B 200 25.83 24.92 25.58
N LEU B 201 26.45 24.33 26.60
CA LEU B 201 26.80 25.13 27.77
C LEU B 201 27.77 26.25 27.41
N ASP B 202 28.60 26.05 26.39
CA ASP B 202 29.48 27.12 25.95
C ASP B 202 28.69 28.29 25.36
N ILE B 203 27.54 28.03 24.76
CA ILE B 203 26.77 29.09 24.12
C ILE B 203 25.52 29.49 24.91
N CYS B 204 25.02 28.64 25.81
CA CYS B 204 23.78 28.94 26.51
C CYS B 204 24.06 29.72 27.79
N GLU B 205 23.19 30.70 28.06
CA GLU B 205 23.36 31.55 29.23
C GLU B 205 22.75 30.92 30.48
N THR B 206 21.47 30.52 30.41
CA THR B 206 20.74 29.99 31.57
C THR B 206 20.13 28.64 31.15
N ALA B 207 20.94 27.59 31.22
CA ALA B 207 20.47 26.27 30.84
C ALA B 207 19.77 25.59 32.01
N TYR B 208 18.84 24.69 31.67
CA TYR B 208 18.09 23.88 32.61
C TYR B 208 18.49 22.42 32.48
N ILE B 209 18.35 21.68 33.58
CA ILE B 209 18.58 20.23 33.59
C ILE B 209 17.43 19.58 34.35
N VAL B 210 16.72 18.69 33.67
CA VAL B 210 15.59 17.95 34.25
C VAL B 210 15.95 16.47 34.23
N ASN B 211 15.65 15.78 35.33
CA ASN B 211 15.94 14.36 35.45
C ASN B 211 14.75 13.64 36.06
N ASP B 212 14.45 12.46 35.51
CA ASP B 212 13.37 11.58 35.95
C ASP B 212 12.06 12.35 36.17
N GLY B 213 11.83 13.35 35.33
CA GLY B 213 10.58 14.09 35.37
C GLY B 213 10.67 15.46 36.02
N GLN B 214 11.51 15.60 37.04
CA GLN B 214 11.60 16.83 37.80
C GLN B 214 12.83 17.63 37.40
N LEU B 215 12.69 18.96 37.37
CA LEU B 215 13.83 19.84 37.13
C LEU B 215 14.80 19.73 38.29
N ILE B 216 16.06 19.44 37.98
CA ILE B 216 17.08 19.27 39.02
C ILE B 216 18.12 20.39 39.03
N ALA B 217 18.30 21.13 37.94
CA ALA B 217 19.32 22.16 37.93
C ALA B 217 18.96 23.24 36.91
N GLU B 218 19.69 24.36 37.00
CA GLU B 218 19.51 25.52 36.14
C GLU B 218 20.66 26.47 36.44
N GLY B 219 20.90 27.40 35.53
CA GLY B 219 21.91 28.42 35.75
C GLY B 219 22.89 28.53 34.62
N ASP B 220 24.00 29.22 34.88
CA ASP B 220 24.98 29.50 33.86
C ASP B 220 25.81 28.25 33.57
N ALA B 221 26.74 28.39 32.62
CA ALA B 221 27.62 27.28 32.28
C ALA B 221 28.49 26.88 33.47
N GLU B 222 29.03 27.87 34.18
CA GLU B 222 29.87 27.59 35.35
C GLU B 222 29.02 27.06 36.49
N SER B 223 27.81 27.58 36.67
CA SER B 223 26.93 27.10 37.73
C SER B 223 26.58 25.63 37.52
N ILE B 224 26.46 25.19 36.27
CA ILE B 224 26.18 23.79 35.99
C ILE B 224 27.44 22.94 36.08
N LEU B 225 28.57 23.46 35.57
CA LEU B 225 29.83 22.73 35.69
C LEU B 225 30.25 22.57 37.13
N ALA B 226 29.85 23.50 38.00
CA ALA B 226 30.12 23.39 39.43
C ALA B 226 29.00 22.69 40.20
N ASN B 227 27.85 22.46 39.57
CA ASN B 227 26.76 21.77 40.23
C ASN B 227 27.11 20.29 40.37
N ASP B 228 26.87 19.74 41.56
CA ASP B 228 27.30 18.37 41.85
C ASP B 228 26.32 17.33 41.32
N LEU B 229 25.02 17.65 41.29
CA LEU B 229 24.04 16.66 40.85
C LEU B 229 24.21 16.34 39.37
N VAL B 230 24.44 17.35 38.53
CA VAL B 230 24.62 17.09 37.11
C VAL B 230 25.90 16.33 36.85
N LYS B 231 26.94 16.53 37.66
CA LYS B 231 28.12 15.68 37.53
C LYS B 231 27.84 14.26 38.02
N GLU B 232 26.92 14.10 38.97
CA GLU B 232 26.63 12.75 39.47
C GLU B 232 25.81 11.96 38.46
N VAL B 233 24.83 12.58 37.82
CA VAL B 233 23.89 11.86 36.96
C VAL B 233 24.05 12.16 35.48
N TYR B 234 24.79 13.22 35.12
CA TYR B 234 24.85 13.64 33.73
C TYR B 234 26.29 13.81 33.27
N LEU B 235 27.00 14.77 33.86
CA LEU B 235 28.36 15.08 33.40
C LEU B 235 29.32 13.92 33.66
N GLY B 236 29.22 13.28 34.82
CA GLY B 236 30.07 12.13 35.10
C GLY B 236 31.45 12.37 35.69
N HIS B 237 31.60 13.39 36.53
CA HIS B 237 32.86 13.71 37.19
C HIS B 237 34.08 13.90 36.29
N GLU B 238 34.00 13.57 35.00
CA GLU B 238 35.17 13.79 34.17
C GLU B 238 34.88 14.73 33.01
N PHE B 239 34.23 15.86 33.32
CA PHE B 239 33.79 16.80 32.30
C PHE B 239 34.91 17.80 31.99
N ARG B 240 35.19 17.97 30.70
CA ARG B 240 36.21 18.90 30.22
C ARG B 240 37.57 18.62 30.85
N MET C 1 0.51 34.04 -0.32
CA MET C 1 0.19 32.62 -0.21
C MET C 1 0.01 32.01 -1.60
N VAL C 2 0.81 32.48 -2.55
CA VAL C 2 0.72 32.01 -3.93
C VAL C 2 1.78 30.96 -4.23
N LYS C 3 3.01 31.13 -3.69
CA LYS C 3 4.08 30.18 -3.97
C LYS C 3 3.80 28.82 -3.33
N LEU C 4 3.32 28.82 -2.08
CA LEU C 4 2.98 27.56 -1.43
C LEU C 4 1.77 26.92 -2.10
N ASP C 5 0.77 27.72 -2.47
CA ASP C 5 -0.44 27.17 -3.08
C ASP C 5 -0.13 26.56 -4.44
N ARG C 6 0.73 27.20 -5.23
CA ARG C 6 1.14 26.61 -6.51
C ARG C 6 2.05 25.41 -6.29
N TYR C 7 2.85 25.43 -5.21
CA TYR C 7 3.71 24.30 -4.89
C TYR C 7 2.88 23.05 -4.62
N ILE C 8 2.06 23.09 -3.56
CA ILE C 8 1.22 21.96 -3.22
C ILE C 8 0.24 21.65 -4.36
N GLY C 9 -0.17 22.67 -5.12
CA GLY C 9 -1.05 22.43 -6.24
C GLY C 9 -0.43 21.57 -7.31
N VAL C 10 0.79 21.92 -7.74
CA VAL C 10 1.47 21.13 -8.75
C VAL C 10 1.80 19.74 -8.20
N THR C 11 2.26 19.67 -6.95
CA THR C 11 2.61 18.38 -6.36
C THR C 11 1.41 17.43 -6.35
N VAL C 12 0.28 17.90 -5.81
CA VAL C 12 -0.92 17.07 -5.75
C VAL C 12 -1.41 16.75 -7.15
N PHE C 13 -1.30 17.70 -8.07
CA PHE C 13 -1.76 17.48 -9.44
C PHE C 13 -1.01 16.32 -10.10
N VAL C 14 0.31 16.44 -10.17
CA VAL C 14 1.10 15.39 -10.82
C VAL C 14 1.00 14.08 -10.04
N ALA C 15 0.81 14.16 -8.73
CA ALA C 15 0.62 12.94 -7.94
C ALA C 15 -0.65 12.21 -8.34
N ILE C 16 -1.76 12.94 -8.46
CA ILE C 16 -3.02 12.34 -8.88
C ILE C 16 -2.89 11.77 -10.29
N LEU C 17 -2.19 12.48 -11.18
CA LEU C 17 -2.01 11.99 -12.54
C LEU C 17 -1.25 10.67 -12.55
N ALA C 18 -0.13 10.60 -11.81
CA ALA C 18 0.66 9.38 -11.77
C ALA C 18 -0.14 8.23 -11.17
N VAL C 19 -0.85 8.49 -10.06
CA VAL C 19 -1.68 7.46 -9.44
C VAL C 19 -2.70 6.92 -10.45
N LEU C 20 -3.39 7.82 -11.15
CA LEU C 20 -4.34 7.38 -12.16
C LEU C 20 -3.67 6.55 -13.24
N GLY C 21 -2.43 6.90 -13.59
CA GLY C 21 -1.70 6.12 -14.58
C GLY C 21 -1.44 4.70 -14.12
N VAL C 22 -0.92 4.54 -12.91
CA VAL C 22 -0.59 3.22 -12.40
C VAL C 22 -1.84 2.37 -12.21
N ILE C 23 -2.87 2.96 -11.58
CA ILE C 23 -4.10 2.23 -11.32
C ILE C 23 -4.77 1.81 -12.62
N LEU C 24 -4.78 2.71 -13.61
CA LEU C 24 -5.34 2.36 -14.92
C LEU C 24 -4.55 1.24 -15.57
N GLY C 25 -3.21 1.29 -15.46
CA GLY C 25 -2.40 0.23 -16.01
C GLY C 25 -2.70 -1.13 -15.40
N LEU C 26 -2.81 -1.19 -14.07
CA LEU C 26 -3.11 -2.45 -13.42
C LEU C 26 -4.52 -2.93 -13.75
N ALA C 27 -5.48 -1.99 -13.83
CA ALA C 27 -6.85 -2.37 -14.16
C ALA C 27 -6.93 -2.99 -15.55
N LEU C 28 -6.32 -2.34 -16.54
CA LEU C 28 -6.29 -2.90 -17.89
C LEU C 28 -5.54 -4.22 -17.91
N LEU C 29 -4.48 -4.34 -17.11
CA LEU C 29 -3.71 -5.58 -17.06
C LEU C 29 -4.57 -6.74 -16.58
N PHE C 30 -5.30 -6.54 -15.48
CA PHE C 30 -6.18 -7.60 -14.98
C PHE C 30 -7.36 -7.85 -15.92
N ALA C 31 -7.85 -6.82 -16.60
CA ALA C 31 -8.91 -7.03 -17.58
C ALA C 31 -8.43 -7.92 -18.71
N PHE C 32 -7.21 -7.70 -19.20
CA PHE C 32 -6.64 -8.57 -20.21
C PHE C 32 -6.43 -9.98 -19.67
N ILE C 33 -6.00 -10.09 -18.41
CA ILE C 33 -5.84 -11.40 -17.78
C ILE C 33 -7.18 -12.14 -17.75
N ASP C 34 -8.27 -11.42 -17.51
CA ASP C 34 -9.57 -12.04 -17.31
C ASP C 34 -10.28 -12.34 -18.62
N GLU C 35 -9.98 -11.59 -19.68
CA GLU C 35 -10.62 -11.81 -20.98
C GLU C 35 -9.97 -12.93 -21.79
N LEU C 36 -9.20 -13.81 -21.15
CA LEU C 36 -8.47 -14.86 -21.84
C LEU C 36 -9.19 -16.21 -21.82
N ASN C 37 -10.41 -16.26 -21.29
CA ASN C 37 -11.21 -17.48 -21.31
C ASN C 37 -12.34 -17.41 -22.33
N ASP C 38 -12.32 -16.43 -23.23
CA ASP C 38 -13.44 -16.15 -24.11
C ASP C 38 -13.18 -16.43 -25.58
N ILE C 39 -11.94 -16.77 -25.96
CA ILE C 39 -11.57 -16.83 -27.37
C ILE C 39 -12.30 -17.97 -28.05
N SER C 40 -12.99 -17.66 -29.16
CA SER C 40 -13.65 -18.66 -29.99
C SER C 40 -12.92 -18.87 -31.31
N ALA C 41 -11.61 -18.57 -31.34
CA ALA C 41 -10.76 -18.73 -32.52
C ALA C 41 -11.12 -17.74 -33.64
N SER C 42 -12.32 -17.15 -33.57
CA SER C 42 -12.69 -16.14 -34.55
C SER C 42 -11.83 -14.88 -34.37
N TYR C 43 -11.70 -14.41 -33.14
CA TYR C 43 -10.80 -13.30 -32.83
C TYR C 43 -10.43 -13.41 -31.36
N GLY C 44 -9.14 -13.31 -31.06
CA GLY C 44 -8.66 -13.50 -29.71
C GLY C 44 -7.83 -12.35 -29.17
N ILE C 45 -6.50 -12.49 -29.26
CA ILE C 45 -5.61 -11.53 -28.60
C ILE C 45 -5.75 -10.14 -29.21
N GLY C 46 -5.90 -10.07 -30.53
CA GLY C 46 -6.05 -8.76 -31.16
C GLY C 46 -7.35 -8.07 -30.77
N ASP C 47 -8.48 -8.77 -30.94
CA ASP C 47 -9.76 -8.22 -30.51
C ASP C 47 -9.76 -7.95 -29.01
N ALA C 48 -9.04 -8.77 -28.24
CA ALA C 48 -8.86 -8.47 -26.82
C ALA C 48 -8.24 -7.09 -26.63
N LEU C 49 -7.06 -6.88 -27.20
CA LEU C 49 -6.37 -5.59 -27.08
C LEU C 49 -7.27 -4.44 -27.51
N ARG C 50 -7.99 -4.60 -28.62
CA ARG C 50 -8.89 -3.54 -29.08
C ARG C 50 -9.97 -3.25 -28.06
N PHE C 51 -10.58 -4.30 -27.49
CA PHE C 51 -11.63 -4.09 -26.50
C PHE C 51 -11.10 -3.40 -25.26
N ILE C 52 -10.01 -3.91 -24.69
CA ILE C 52 -9.45 -3.33 -23.47
C ILE C 52 -9.09 -1.87 -23.69
N PHE C 53 -8.38 -1.59 -24.78
CA PHE C 53 -7.90 -0.23 -24.99
C PHE C 53 -9.02 0.72 -25.36
N LEU C 54 -10.09 0.22 -25.99
CA LEU C 54 -11.27 1.07 -26.15
C LEU C 54 -11.95 1.32 -24.81
N THR C 55 -11.81 0.40 -23.86
CA THR C 55 -12.39 0.59 -22.53
C THR C 55 -11.51 1.42 -21.60
N ALA C 56 -10.26 1.69 -21.98
CA ALA C 56 -9.39 2.52 -21.13
C ALA C 56 -9.96 3.91 -20.87
N PRO C 57 -10.44 4.66 -21.88
CA PRO C 57 -11.03 5.98 -21.57
C PRO C 57 -12.21 5.88 -20.63
N ARG C 58 -12.93 4.77 -20.64
CA ARG C 58 -14.03 4.59 -19.69
C ARG C 58 -13.49 4.31 -18.30
N ARG C 59 -12.53 3.41 -18.18
CA ARG C 59 -12.03 3.02 -16.87
C ARG C 59 -11.33 4.17 -16.16
N ALA C 60 -10.70 5.07 -16.91
CA ALA C 60 -10.03 6.21 -16.29
C ALA C 60 -11.00 7.05 -15.48
N TYR C 61 -12.21 7.27 -16.01
CA TYR C 61 -13.21 8.06 -15.29
C TYR C 61 -13.70 7.33 -14.05
N ASP C 62 -13.88 6.01 -14.13
CA ASP C 62 -14.27 5.24 -12.97
C ASP C 62 -13.18 5.21 -11.91
N MET C 63 -11.92 5.39 -12.33
CA MET C 63 -10.79 5.42 -11.42
C MET C 63 -10.48 6.80 -10.87
N LEU C 64 -11.06 7.85 -11.46
CA LEU C 64 -10.70 9.21 -11.06
C LEU C 64 -10.89 9.52 -9.58
N PRO C 65 -11.99 9.13 -8.91
CA PRO C 65 -12.09 9.44 -7.47
C PRO C 65 -11.03 8.75 -6.63
N MET C 66 -10.81 7.45 -6.84
CA MET C 66 -9.77 6.75 -6.10
C MET C 66 -8.39 7.32 -6.41
N ALA C 67 -8.12 7.60 -7.68
CA ALA C 67 -6.87 8.25 -8.06
C ALA C 67 -6.73 9.64 -7.44
N ALA C 68 -7.85 10.27 -7.10
CA ALA C 68 -7.83 11.58 -6.46
C ALA C 68 -7.50 11.47 -4.98
N LEU C 69 -8.16 10.53 -4.28
CA LEU C 69 -7.85 10.30 -2.87
C LEU C 69 -6.40 9.86 -2.70
N ILE C 70 -6.03 8.76 -3.35
CA ILE C 70 -4.66 8.26 -3.29
C ILE C 70 -3.69 9.32 -3.79
N GLY C 71 -4.08 10.07 -4.82
CA GLY C 71 -3.19 11.07 -5.38
C GLY C 71 -2.87 12.18 -4.40
N CYS C 72 -3.90 12.72 -3.74
CA CYS C 72 -3.66 13.72 -2.70
C CYS C 72 -2.82 13.14 -1.57
N LEU C 73 -3.05 11.87 -1.23
CA LEU C 73 -2.23 11.23 -0.21
C LEU C 73 -0.77 11.11 -0.64
N VAL C 74 -0.52 10.96 -1.93
CA VAL C 74 0.86 10.91 -2.42
C VAL C 74 1.49 12.30 -2.42
N GLY C 75 0.71 13.32 -2.77
CA GLY C 75 1.20 14.68 -2.72
C GLY C 75 1.59 15.11 -1.33
N LEU C 76 0.61 15.16 -0.43
CA LEU C 76 0.91 15.53 0.96
C LEU C 76 1.79 14.51 1.65
N GLY C 77 1.82 13.27 1.16
CA GLY C 77 2.70 12.28 1.74
C GLY C 77 4.16 12.51 1.40
N THR C 78 4.44 12.89 0.14
CA THR C 78 5.80 13.24 -0.23
C THR C 78 6.21 14.59 0.34
N LEU C 79 5.26 15.51 0.49
CA LEU C 79 5.60 16.79 1.11
C LEU C 79 5.89 16.64 2.60
N ALA C 80 5.10 15.79 3.28
CA ALA C 80 5.32 15.57 4.71
C ALA C 80 6.44 14.58 4.99
N SER C 81 6.85 13.80 3.98
CA SER C 81 7.96 12.87 4.18
C SER C 81 9.28 13.61 4.36
N ASN C 82 9.46 14.71 3.63
CA ASN C 82 10.66 15.54 3.74
C ASN C 82 10.52 16.63 4.79
N SER C 83 9.61 16.45 5.75
CA SER C 83 9.42 17.36 6.88
C SER C 83 9.06 18.78 6.44
N GLU C 84 8.52 18.93 5.23
CA GLU C 84 8.17 20.26 4.74
C GLU C 84 6.81 20.71 5.28
N LEU C 85 5.88 19.79 5.50
CA LEU C 85 4.55 20.16 5.97
C LEU C 85 4.58 20.58 7.43
N THR C 86 5.36 19.87 8.26
CA THR C 86 5.41 20.18 9.68
C THR C 86 5.95 21.59 9.92
N ILE C 87 7.01 21.97 9.19
CA ILE C 87 7.53 23.33 9.31
C ILE C 87 6.66 24.32 8.53
N MET C 88 5.89 23.85 7.55
CA MET C 88 4.96 24.74 6.87
C MET C 88 3.83 25.17 7.79
N ARG C 89 3.35 24.26 8.64
CA ARG C 89 2.35 24.62 9.63
C ARG C 89 2.97 25.20 10.89
N ALA C 90 4.25 24.96 11.13
CA ALA C 90 4.97 25.53 12.27
C ALA C 90 5.31 27.00 12.07
N ALA C 91 4.81 27.62 11.00
CA ALA C 91 5.08 29.02 10.71
C ALA C 91 3.81 29.86 10.59
N GLY C 92 2.65 29.32 10.94
CA GLY C 92 1.41 30.07 10.93
C GLY C 92 0.39 29.62 9.90
N VAL C 93 0.71 28.65 9.05
CA VAL C 93 -0.21 28.18 8.03
C VAL C 93 -1.04 27.05 8.62
N SER C 94 -2.35 27.27 8.72
CA SER C 94 -3.25 26.27 9.28
C SER C 94 -3.40 25.09 8.32
N LEU C 95 -4.02 24.02 8.83
CA LEU C 95 -4.20 22.83 8.02
C LEU C 95 -5.29 23.02 6.97
N SER C 96 -6.32 23.81 7.27
CA SER C 96 -7.41 24.02 6.31
C SER C 96 -6.90 24.68 5.03
N ARG C 97 -5.97 25.63 5.16
CA ARG C 97 -5.36 26.23 3.98
C ARG C 97 -4.68 25.19 3.10
N ILE C 98 -3.97 24.25 3.72
CA ILE C 98 -3.34 23.17 2.97
C ILE C 98 -4.41 22.29 2.32
N VAL C 99 -5.51 22.06 3.02
CA VAL C 99 -6.58 21.22 2.46
C VAL C 99 -7.17 21.87 1.22
N TRP C 100 -7.35 23.19 1.24
CA TRP C 100 -7.85 23.88 0.06
C TRP C 100 -6.82 23.87 -1.07
N ALA C 101 -5.55 24.13 -0.74
CA ALA C 101 -4.50 24.09 -1.74
C ALA C 101 -4.40 22.72 -2.41
N VAL C 102 -4.71 21.66 -1.67
CA VAL C 102 -4.75 20.33 -2.26
C VAL C 102 -6.03 20.12 -3.04
N MET C 103 -7.14 20.73 -2.60
CA MET C 103 -8.44 20.45 -3.18
C MET C 103 -8.65 21.17 -4.52
N LYS C 104 -7.97 22.30 -4.75
CA LYS C 104 -8.14 22.99 -6.02
C LYS C 104 -7.70 22.16 -7.22
N PRO C 105 -6.52 21.54 -7.26
CA PRO C 105 -6.21 20.64 -8.38
C PRO C 105 -7.16 19.47 -8.46
N MET C 106 -7.67 19.00 -7.32
CA MET C 106 -8.68 17.95 -7.33
C MET C 106 -9.95 18.41 -8.03
N LEU C 107 -10.44 19.61 -7.67
CA LEU C 107 -11.62 20.14 -8.32
C LEU C 107 -11.39 20.35 -9.81
N VAL C 108 -10.16 20.71 -10.20
CA VAL C 108 -9.83 20.85 -11.61
C VAL C 108 -9.90 19.50 -12.32
N LEU C 109 -9.32 18.46 -11.71
CA LEU C 109 -9.28 17.15 -12.34
C LEU C 109 -10.62 16.44 -12.33
N MET C 110 -11.51 16.80 -11.40
CA MET C 110 -12.84 16.19 -11.34
C MET C 110 -13.84 16.92 -12.23
N LEU C 111 -13.85 18.25 -12.16
CA LEU C 111 -14.68 19.02 -13.07
C LEU C 111 -14.26 18.79 -14.52
N ALA C 112 -12.96 18.74 -14.77
CA ALA C 112 -12.48 18.42 -16.11
C ALA C 112 -12.64 16.94 -16.43
N GLY C 113 -12.62 16.09 -15.40
CA GLY C 113 -12.73 14.66 -15.62
C GLY C 113 -14.12 14.17 -15.94
N ILE C 114 -15.15 14.85 -15.43
CA ILE C 114 -16.52 14.38 -15.65
C ILE C 114 -16.94 14.61 -17.09
N LEU C 115 -16.51 15.73 -17.69
CA LEU C 115 -16.84 15.96 -19.10
C LEU C 115 -15.96 15.14 -20.03
N VAL C 116 -14.72 14.84 -19.62
CA VAL C 116 -13.88 13.95 -20.41
C VAL C 116 -14.47 12.54 -20.42
N GLY C 117 -14.86 12.04 -19.24
CA GLY C 117 -15.45 10.71 -19.18
C GLY C 117 -16.81 10.62 -19.84
N GLU C 118 -17.59 11.70 -19.78
CA GLU C 118 -18.93 11.72 -20.37
C GLU C 118 -18.93 11.99 -21.87
N TYR C 119 -17.96 12.74 -22.38
CA TYR C 119 -17.86 12.97 -23.82
C TYR C 119 -17.07 11.90 -24.55
N VAL C 120 -16.11 11.26 -23.87
CA VAL C 120 -15.23 10.30 -24.52
C VAL C 120 -15.51 8.86 -24.10
N ALA C 121 -16.00 8.64 -22.88
CA ALA C 121 -16.21 7.28 -22.38
C ALA C 121 -17.39 6.57 -23.06
N PRO C 122 -18.56 7.20 -23.22
CA PRO C 122 -19.68 6.46 -23.84
C PRO C 122 -19.43 6.07 -25.29
N TRP C 123 -18.74 6.92 -26.06
CA TRP C 123 -18.49 6.62 -27.47
C TRP C 123 -17.51 5.46 -27.60
N THR C 124 -16.32 5.60 -27.01
CA THR C 124 -15.33 4.52 -27.04
C THR C 124 -15.88 3.24 -26.42
N GLU C 125 -16.72 3.36 -25.40
CA GLU C 125 -17.28 2.17 -24.77
C GLU C 125 -18.30 1.49 -25.69
N ASN C 126 -19.13 2.29 -26.37
CA ASN C 126 -20.07 1.72 -27.32
C ASN C 126 -19.35 0.98 -28.45
N ILE C 127 -18.28 1.58 -28.97
CA ILE C 127 -17.48 0.89 -29.99
C ILE C 127 -16.88 -0.38 -29.41
N ALA C 128 -16.41 -0.31 -28.16
CA ALA C 128 -15.74 -1.46 -27.53
C ALA C 128 -16.70 -2.63 -27.40
N GLN C 129 -17.78 -2.45 -26.64
CA GLN C 129 -18.72 -3.54 -26.41
C GLN C 129 -19.38 -3.99 -27.71
N SER C 130 -19.61 -3.06 -28.63
CA SER C 130 -20.19 -3.43 -29.92
C SER C 130 -19.28 -4.38 -30.68
N GLY C 131 -18.05 -3.96 -30.96
CA GLY C 131 -17.13 -4.80 -31.71
C GLY C 131 -16.81 -6.11 -30.99
N ARG C 132 -16.59 -6.03 -29.67
CA ARG C 132 -16.29 -7.23 -28.89
C ARG C 132 -17.43 -8.23 -28.98
N ALA C 133 -18.67 -7.76 -28.82
CA ALA C 133 -19.82 -8.66 -28.91
C ALA C 133 -19.97 -9.22 -30.31
N LEU C 134 -19.72 -8.39 -31.34
CA LEU C 134 -19.94 -8.84 -32.71
C LEU C 134 -18.95 -9.91 -33.12
N ALA C 135 -17.65 -9.67 -32.90
CA ALA C 135 -16.66 -10.68 -33.25
C ALA C 135 -16.70 -11.87 -32.30
N GLN C 136 -17.11 -11.65 -31.05
CA GLN C 136 -17.16 -12.71 -30.05
C GLN C 136 -18.34 -13.64 -30.30
N GLY C 137 -19.54 -13.08 -30.46
CA GLY C 137 -20.72 -13.87 -30.72
C GLY C 137 -21.88 -13.02 -31.21
N GLY C 138 -21.57 -11.95 -31.94
CA GLY C 138 -22.60 -11.07 -32.45
C GLY C 138 -23.11 -11.48 -33.81
N GLY C 139 -24.27 -10.90 -34.17
CA GLY C 139 -25.00 -11.32 -35.34
C GLY C 139 -25.79 -12.60 -35.16
N ASP C 140 -25.45 -13.40 -34.15
CA ASP C 140 -26.24 -14.58 -33.86
C ASP C 140 -27.64 -14.18 -33.40
N SER C 141 -28.62 -15.04 -33.71
CA SER C 141 -29.97 -14.84 -33.18
C SER C 141 -29.98 -14.84 -31.66
N GLN C 142 -28.95 -15.40 -31.04
CA GLN C 142 -28.83 -15.52 -29.59
C GLN C 142 -27.76 -14.57 -29.10
N SER C 143 -28.03 -13.94 -27.97
CA SER C 143 -27.12 -12.99 -27.35
C SER C 143 -26.85 -13.40 -25.91
N SER C 144 -25.59 -13.27 -25.50
CA SER C 144 -25.25 -13.49 -24.12
C SER C 144 -25.90 -12.42 -23.26
N LYS C 145 -25.60 -12.46 -21.97
CA LYS C 145 -26.17 -11.56 -20.98
C LYS C 145 -27.69 -11.70 -20.97
N ARG C 146 -28.41 -10.72 -21.50
CA ARG C 146 -29.86 -10.76 -21.49
C ARG C 146 -30.43 -10.36 -22.84
N GLY C 147 -31.30 -11.20 -23.36
CA GLY C 147 -32.02 -10.89 -24.59
C GLY C 147 -33.50 -11.12 -24.37
N LEU C 148 -34.32 -10.21 -24.92
CA LEU C 148 -35.72 -10.16 -24.54
C LEU C 148 -36.56 -11.13 -25.36
N TRP C 149 -37.32 -11.98 -24.68
CA TRP C 149 -38.26 -12.89 -25.30
C TRP C 149 -39.68 -12.41 -25.07
N HIS C 150 -40.46 -12.28 -26.14
CA HIS C 150 -41.86 -11.87 -26.02
C HIS C 150 -42.68 -12.58 -27.09
N ARG C 151 -43.96 -12.79 -26.78
CA ARG C 151 -44.89 -13.44 -27.69
C ARG C 151 -46.07 -12.53 -27.97
N GLN C 152 -46.36 -12.30 -29.25
CA GLN C 152 -47.48 -11.48 -29.69
C GLN C 152 -48.35 -12.35 -30.59
N GLY C 153 -49.54 -12.70 -30.12
CA GLY C 153 -50.43 -13.55 -30.89
C GLY C 153 -49.80 -14.91 -31.16
N ARG C 154 -49.57 -15.21 -32.44
CA ARG C 154 -48.89 -16.44 -32.85
C ARG C 154 -47.48 -16.16 -33.34
N GLU C 155 -46.86 -15.10 -32.84
CA GLU C 155 -45.56 -14.64 -33.29
C GLU C 155 -44.61 -14.57 -32.10
N TYR C 156 -43.37 -15.02 -32.31
CA TYR C 156 -42.39 -15.11 -31.24
C TYR C 156 -41.20 -14.21 -31.58
N ILE C 157 -40.78 -13.39 -30.63
CA ILE C 157 -39.79 -12.34 -30.87
C ILE C 157 -38.68 -12.45 -29.85
N HIS C 158 -37.44 -12.51 -30.34
CA HIS C 158 -36.26 -12.42 -29.49
C HIS C 158 -35.43 -11.22 -29.90
N ILE C 159 -34.93 -10.49 -28.91
CA ILE C 159 -34.12 -9.30 -29.09
C ILE C 159 -32.76 -9.56 -28.49
N ASN C 160 -31.70 -9.37 -29.29
CA ASN C 160 -30.35 -9.56 -28.80
C ASN C 160 -29.99 -8.53 -27.74
N ALA C 161 -30.14 -7.24 -28.08
CA ALA C 161 -29.80 -6.18 -27.14
C ALA C 161 -30.70 -4.98 -27.39
N VAL C 162 -31.30 -4.47 -26.31
CA VAL C 162 -32.15 -3.29 -26.37
C VAL C 162 -31.30 -2.07 -26.00
N GLN C 163 -31.15 -1.13 -26.95
CA GLN C 163 -30.34 0.00 -26.52
C GLN C 163 -31.24 1.15 -26.06
N PRO C 164 -30.81 1.92 -25.05
CA PRO C 164 -31.64 3.00 -24.53
C PRO C 164 -31.78 4.19 -25.48
N ASN C 165 -31.62 3.94 -26.78
CA ASN C 165 -31.85 4.96 -27.81
C ASN C 165 -33.14 4.71 -28.57
N GLY C 166 -33.97 3.79 -28.10
CA GLY C 166 -35.16 3.40 -28.85
C GLY C 166 -34.87 2.47 -30.01
N VAL C 167 -33.73 1.79 -30.00
CA VAL C 167 -33.32 0.91 -31.09
C VAL C 167 -33.14 -0.50 -30.54
N LEU C 168 -33.71 -1.49 -31.25
CA LEU C 168 -33.63 -2.89 -30.85
C LEU C 168 -32.69 -3.61 -31.81
N TYR C 169 -31.66 -4.24 -31.26
CA TYR C 169 -30.67 -4.95 -32.05
C TYR C 169 -30.91 -6.46 -31.97
N GLY C 170 -30.97 -7.11 -33.13
CA GLY C 170 -31.18 -8.54 -33.21
C GLY C 170 -32.62 -8.94 -33.01
N VAL C 171 -33.48 -8.62 -33.97
CA VAL C 171 -34.91 -8.87 -33.87
C VAL C 171 -35.24 -10.11 -34.68
N THR C 172 -35.72 -11.15 -34.00
CA THR C 172 -36.20 -12.36 -34.66
C THR C 172 -37.72 -12.36 -34.68
N ARG C 173 -38.30 -12.63 -35.85
CA ARG C 173 -39.76 -12.67 -36.01
C ARG C 173 -40.14 -14.08 -36.45
N TYR C 174 -40.55 -14.90 -35.50
CA TYR C 174 -41.04 -16.26 -35.77
C TYR C 174 -42.55 -16.19 -36.00
N ARG C 175 -42.97 -16.43 -37.25
CA ARG C 175 -44.37 -16.41 -37.63
C ARG C 175 -44.76 -17.81 -38.11
N PHE C 176 -45.52 -18.51 -37.27
CA PHE C 176 -46.12 -19.80 -37.57
C PHE C 176 -47.55 -19.61 -38.06
N ASP C 177 -48.03 -20.56 -38.86
CA ASP C 177 -49.45 -20.64 -39.13
C ASP C 177 -50.16 -21.17 -37.89
N GLU C 178 -51.49 -21.27 -37.97
CA GLU C 178 -52.23 -21.93 -36.90
C GLU C 178 -51.75 -23.37 -36.75
N GLN C 179 -51.46 -24.03 -37.86
CA GLN C 179 -51.04 -25.43 -37.91
C GLN C 179 -49.67 -25.61 -37.27
N ARG C 180 -49.04 -24.49 -36.89
CA ARG C 180 -47.71 -24.35 -36.32
C ARG C 180 -46.62 -24.45 -37.38
N GLY C 181 -46.97 -24.78 -38.63
CA GLY C 181 -45.98 -24.78 -39.68
C GLY C 181 -45.37 -23.41 -39.83
N LEU C 182 -44.06 -23.33 -39.90
CA LEU C 182 -43.35 -22.05 -39.97
C LEU C 182 -43.61 -21.44 -41.34
N GLU C 183 -44.53 -20.47 -41.42
CA GLU C 183 -44.71 -19.77 -42.68
C GLU C 183 -43.67 -18.68 -42.92
N SER C 184 -42.97 -18.24 -41.86
CA SER C 184 -41.84 -17.35 -42.05
C SER C 184 -41.02 -17.18 -40.78
N ALA C 185 -39.71 -17.46 -40.86
CA ALA C 185 -38.76 -17.07 -39.83
C ALA C 185 -37.87 -15.98 -40.41
N SER C 186 -37.73 -14.88 -39.67
CA SER C 186 -36.98 -13.73 -40.17
C SER C 186 -36.04 -13.20 -39.11
N PHE C 187 -35.17 -12.28 -39.55
CA PHE C 187 -34.15 -11.70 -38.69
C PHE C 187 -33.96 -10.25 -39.10
N ALA C 188 -33.71 -9.38 -38.12
CA ALA C 188 -33.44 -7.97 -38.38
C ALA C 188 -32.25 -7.53 -37.54
N LYS C 189 -31.28 -6.85 -38.18
CA LYS C 189 -30.11 -6.41 -37.45
C LYS C 189 -30.44 -5.28 -36.48
N ARG C 190 -31.19 -4.28 -36.94
CA ARG C 190 -31.55 -3.15 -36.11
C ARG C 190 -32.97 -2.72 -36.43
N ALA C 191 -33.59 -2.01 -35.48
CA ALA C 191 -34.96 -1.55 -35.63
C ALA C 191 -35.09 -0.13 -35.07
N ARG C 192 -35.88 0.68 -35.75
CA ARG C 192 -36.15 2.06 -35.33
C ARG C 192 -37.63 2.22 -35.05
N PHE C 193 -37.95 3.05 -34.05
CA PHE C 193 -39.32 3.35 -33.67
C PHE C 193 -39.67 4.75 -34.13
N GLU C 194 -40.78 4.88 -34.87
CA GLU C 194 -41.21 6.18 -35.42
C GLU C 194 -42.72 6.32 -35.23
N THR C 195 -43.11 6.97 -34.13
CA THR C 195 -44.48 7.38 -33.86
C THR C 195 -45.45 6.21 -33.82
N ASP C 196 -46.08 5.90 -34.96
CA ASP C 196 -47.21 4.98 -35.00
C ASP C 196 -46.80 3.51 -35.11
N HIS C 197 -45.63 3.21 -35.65
CA HIS C 197 -45.28 1.84 -35.99
C HIS C 197 -43.81 1.57 -35.71
N TRP C 198 -43.46 0.29 -35.71
CA TRP C 198 -42.07 -0.14 -35.66
C TRP C 198 -41.56 -0.36 -37.08
N GLN C 199 -40.39 0.19 -37.38
CA GLN C 199 -39.80 0.09 -38.71
C GLN C 199 -38.45 -0.61 -38.59
N LEU C 200 -38.35 -1.80 -39.16
CA LEU C 200 -37.15 -2.63 -39.04
C LEU C 200 -36.23 -2.41 -40.23
N GLU C 201 -34.93 -2.60 -39.99
CA GLU C 201 -33.91 -2.42 -41.01
C GLU C 201 -33.02 -3.66 -41.07
N GLU C 202 -32.44 -3.88 -42.26
CA GLU C 202 -31.57 -5.03 -42.50
C GLU C 202 -32.27 -6.33 -42.14
N VAL C 203 -33.44 -6.53 -42.74
CA VAL C 203 -34.33 -7.64 -42.41
C VAL C 203 -34.11 -8.77 -43.41
N THR C 204 -34.18 -10.01 -42.93
CA THR C 204 -34.01 -11.18 -43.78
C THR C 204 -35.09 -12.20 -43.41
N THR C 205 -36.09 -12.35 -44.26
CA THR C 205 -37.19 -13.29 -44.04
C THR C 205 -37.04 -14.46 -45.01
N THR C 206 -36.96 -15.66 -44.47
CA THR C 206 -36.73 -16.86 -45.28
C THR C 206 -37.81 -17.89 -45.01
N LEU C 207 -38.37 -18.44 -46.09
CA LEU C 207 -39.27 -19.58 -46.02
C LEU C 207 -39.49 -20.12 -47.43
N LEU C 208 -39.60 -21.45 -47.54
CA LEU C 208 -39.76 -22.14 -48.82
C LEU C 208 -41.12 -22.84 -48.85
N HIS C 209 -42.14 -22.11 -49.25
CA HIS C 209 -43.47 -22.63 -49.54
C HIS C 209 -43.94 -22.06 -50.87
N PRO C 210 -44.83 -22.78 -51.58
CA PRO C 210 -45.36 -22.28 -52.84
C PRO C 210 -46.16 -20.98 -52.68
N ARG C 214 -39.98 -17.84 -51.34
CA ARG C 214 -38.55 -17.62 -51.54
C ARG C 214 -37.89 -17.02 -50.31
N SER C 215 -36.57 -16.85 -50.38
CA SER C 215 -35.81 -16.24 -49.30
C SER C 215 -35.56 -14.76 -49.62
N GLU C 216 -36.65 -14.00 -49.55
CA GLU C 216 -36.59 -12.56 -49.84
C GLU C 216 -35.78 -11.84 -48.76
N VAL C 217 -35.20 -10.71 -49.16
CA VAL C 217 -34.38 -9.88 -48.28
C VAL C 217 -34.82 -8.44 -48.45
N VAL C 218 -35.41 -7.86 -47.41
CA VAL C 218 -35.87 -6.49 -47.41
C VAL C 218 -35.05 -5.69 -46.40
N LYS C 219 -34.47 -4.58 -46.85
CA LYS C 219 -33.61 -3.77 -46.00
C LYS C 219 -34.35 -2.66 -45.27
N LEU C 220 -35.63 -2.46 -45.56
CA LEU C 220 -36.33 -1.27 -45.08
C LEU C 220 -37.56 -1.63 -44.25
N PRO C 221 -38.13 -0.65 -43.49
CA PRO C 221 -39.30 -0.88 -42.64
C PRO C 221 -40.28 -2.00 -42.98
N THR C 222 -40.68 -2.73 -41.94
CA THR C 222 -41.83 -3.62 -41.96
C THR C 222 -42.65 -3.32 -40.72
N GLU C 223 -43.92 -2.99 -40.91
CA GLU C 223 -44.77 -2.48 -39.82
C GLU C 223 -45.95 -3.42 -39.62
N ARG C 224 -45.86 -4.26 -38.59
CA ARG C 224 -46.98 -5.15 -38.28
C ARG C 224 -47.15 -5.37 -36.78
N TRP C 225 -46.53 -4.57 -35.92
CA TRP C 225 -46.52 -4.81 -34.48
C TRP C 225 -47.55 -3.90 -33.81
N ASP C 226 -48.77 -4.40 -33.67
CA ASP C 226 -49.75 -3.73 -32.83
C ASP C 226 -49.46 -3.93 -31.36
N ALA C 227 -48.51 -4.81 -31.03
CA ALA C 227 -48.12 -5.04 -29.66
C ALA C 227 -47.57 -3.75 -29.04
N GLN C 228 -47.78 -3.60 -27.74
CA GLN C 228 -47.26 -2.41 -27.08
C GLN C 228 -45.75 -2.48 -26.92
N LEU C 229 -45.22 -3.68 -26.68
CA LEU C 229 -43.83 -3.87 -26.30
C LEU C 229 -43.46 -2.90 -25.19
N SER C 230 -44.10 -3.10 -24.03
CA SER C 230 -44.23 -2.05 -23.02
C SER C 230 -42.87 -1.53 -22.55
N PRO C 231 -42.80 -0.24 -22.20
CA PRO C 231 -41.53 0.33 -21.72
C PRO C 231 -41.03 -0.28 -20.41
N GLN C 232 -41.87 -0.99 -19.67
CA GLN C 232 -41.36 -1.71 -18.50
C GLN C 232 -40.74 -3.04 -18.91
N LEU C 233 -41.37 -3.73 -19.86
CA LEU C 233 -40.79 -4.95 -20.41
C LEU C 233 -39.45 -4.66 -21.06
N LEU C 234 -39.37 -3.57 -21.83
CA LEU C 234 -38.10 -3.14 -22.39
C LEU C 234 -37.17 -2.62 -21.30
N ASN C 235 -37.73 -2.01 -20.24
CA ASN C 235 -36.91 -1.46 -19.17
C ASN C 235 -36.21 -2.56 -18.38
N THR C 236 -36.77 -3.76 -18.35
CA THR C 236 -36.08 -4.88 -17.71
C THR C 236 -34.80 -5.27 -18.46
N VAL C 237 -34.68 -4.93 -19.73
CA VAL C 237 -33.60 -5.39 -20.58
C VAL C 237 -32.61 -4.28 -20.93
N VAL C 238 -32.86 -3.05 -20.48
CA VAL C 238 -31.94 -1.96 -20.80
C VAL C 238 -30.60 -2.20 -20.12
N MET C 239 -29.53 -1.73 -20.75
CA MET C 239 -28.20 -1.81 -20.14
C MET C 239 -28.16 -0.91 -18.91
N GLU C 240 -27.24 -1.25 -18.00
CA GLU C 240 -27.16 -0.54 -16.73
C GLU C 240 -26.81 0.93 -16.96
N PRO C 241 -27.23 1.81 -16.06
CA PRO C 241 -26.97 3.25 -16.24
C PRO C 241 -25.50 3.64 -16.18
N GLU C 242 -24.59 2.68 -15.98
CA GLU C 242 -23.16 3.00 -15.94
C GLU C 242 -22.69 3.57 -17.27
N ALA C 243 -23.12 2.99 -18.38
CA ALA C 243 -22.63 3.40 -19.69
C ALA C 243 -23.28 4.68 -20.19
N LEU C 244 -24.49 4.98 -19.73
CA LEU C 244 -25.21 6.15 -20.22
C LEU C 244 -24.47 7.43 -19.87
N SER C 245 -24.53 8.40 -20.77
CA SER C 245 -24.02 9.73 -20.50
C SER C 245 -24.82 10.34 -19.34
N ILE C 246 -24.31 11.46 -18.82
CA ILE C 246 -25.04 12.18 -17.77
C ILE C 246 -26.34 12.75 -18.33
N SER C 247 -26.25 13.37 -19.51
CA SER C 247 -27.45 13.84 -20.20
C SER C 247 -28.36 12.67 -20.57
N GLY C 248 -27.79 11.51 -20.89
CA GLY C 248 -28.61 10.34 -21.13
C GLY C 248 -29.35 9.89 -19.89
N LEU C 249 -28.71 10.03 -18.73
CA LEU C 249 -29.38 9.72 -17.47
C LEU C 249 -30.52 10.71 -17.20
N TRP C 250 -30.29 12.00 -17.45
CA TRP C 250 -31.36 12.98 -17.26
C TRP C 250 -32.53 12.68 -18.19
N GLN C 251 -32.26 12.54 -19.49
CA GLN C 251 -33.33 12.34 -20.47
C GLN C 251 -34.02 10.99 -20.29
N TYR C 252 -33.32 9.99 -19.76
CA TYR C 252 -33.97 8.70 -19.52
C TYR C 252 -34.82 8.75 -18.26
N ILE C 253 -34.27 9.32 -17.19
CA ILE C 253 -35.00 9.61 -15.95
C ILE C 253 -36.33 10.25 -16.31
N HIS C 254 -36.28 11.30 -17.13
CA HIS C 254 -37.52 11.93 -17.57
C HIS C 254 -38.18 11.19 -18.73
N TYR C 255 -37.59 10.10 -19.22
CA TYR C 255 -38.22 9.31 -20.26
C TYR C 255 -39.20 8.30 -19.68
N LEU C 256 -38.81 7.61 -18.60
CA LEU C 256 -39.75 6.72 -17.93
C LEU C 256 -40.67 7.46 -16.97
N ALA C 257 -40.34 8.72 -16.63
CA ALA C 257 -41.22 9.49 -15.76
C ALA C 257 -42.51 9.88 -16.48
N ASP C 258 -42.44 10.14 -17.78
CA ASP C 258 -43.65 10.43 -18.54
C ASP C 258 -44.52 9.18 -18.69
N GLN C 259 -43.90 8.02 -18.84
CA GLN C 259 -44.61 6.75 -18.96
C GLN C 259 -45.13 6.26 -17.62
N GLY C 260 -44.95 7.02 -16.54
CA GLY C 260 -45.34 6.57 -15.23
C GLY C 260 -44.42 5.56 -14.60
N LEU C 261 -43.41 5.07 -15.32
CA LEU C 261 -42.46 4.13 -14.75
C LEU C 261 -41.57 4.83 -13.74
N ASN C 262 -41.10 4.07 -12.74
CA ASN C 262 -40.22 4.63 -11.75
C ASN C 262 -38.79 4.68 -12.28
N ASN C 263 -38.02 5.63 -11.77
CA ASN C 263 -36.74 6.00 -12.36
C ASN C 263 -35.68 6.31 -11.31
N ASN C 264 -35.74 5.63 -10.15
CA ASN C 264 -34.92 6.05 -9.02
C ASN C 264 -33.49 5.54 -9.08
N ARG C 265 -33.26 4.35 -9.64
CA ARG C 265 -31.88 3.92 -9.84
C ARG C 265 -31.13 4.91 -10.72
N TYR C 266 -31.80 5.41 -11.76
CA TYR C 266 -31.18 6.34 -12.69
C TYR C 266 -31.00 7.71 -12.06
N TRP C 267 -31.89 8.10 -11.13
CA TRP C 267 -31.64 9.30 -10.34
C TRP C 267 -30.40 9.13 -9.46
N LEU C 268 -30.26 7.95 -8.85
CA LEU C 268 -29.10 7.71 -7.99
C LEU C 268 -27.80 7.80 -8.79
N ALA C 269 -27.73 7.10 -9.92
CA ALA C 269 -26.55 7.18 -10.78
C ALA C 269 -26.33 8.61 -11.27
N PHE C 270 -27.43 9.32 -11.56
CA PHE C 270 -27.33 10.71 -11.98
C PHE C 270 -26.65 11.56 -10.92
N TRP C 271 -26.96 11.31 -9.64
CA TRP C 271 -26.40 12.12 -8.58
C TRP C 271 -25.00 11.68 -8.19
N THR C 272 -24.68 10.39 -8.28
CA THR C 272 -23.31 9.97 -8.11
C THR C 272 -22.43 10.51 -9.21
N LYS C 273 -23.00 10.75 -10.40
CA LYS C 273 -22.26 11.32 -11.50
C LYS C 273 -22.07 12.82 -11.32
N VAL C 274 -23.14 13.54 -10.98
CA VAL C 274 -23.08 15.00 -10.96
C VAL C 274 -22.32 15.51 -9.74
N LEU C 275 -22.59 14.95 -8.56
CA LEU C 275 -21.96 15.40 -7.33
C LEU C 275 -20.69 14.63 -6.99
N GLN C 276 -20.06 14.02 -7.98
CA GLN C 276 -18.83 13.24 -7.71
C GLN C 276 -17.68 14.10 -7.21
N PRO C 277 -17.39 15.30 -7.76
CA PRO C 277 -16.35 16.13 -7.15
C PRO C 277 -16.63 16.52 -5.72
N LEU C 278 -17.91 16.60 -5.33
CA LEU C 278 -18.25 16.98 -3.97
C LEU C 278 -17.97 15.83 -3.00
N VAL C 279 -18.47 14.63 -3.31
CA VAL C 279 -18.23 13.48 -2.44
C VAL C 279 -16.75 13.14 -2.40
N THR C 280 -16.04 13.33 -3.52
CA THR C 280 -14.59 13.14 -3.50
C THR C 280 -13.91 14.18 -2.61
N ALA C 281 -14.38 15.44 -2.70
CA ALA C 281 -13.80 16.50 -1.88
C ALA C 281 -14.01 16.24 -0.39
N ALA C 282 -15.18 15.72 -0.02
CA ALA C 282 -15.43 15.39 1.38
C ALA C 282 -14.59 14.19 1.82
N LEU C 283 -14.52 13.16 0.97
CA LEU C 283 -13.72 11.98 1.28
C LEU C 283 -12.27 12.36 1.55
N VAL C 284 -11.66 13.13 0.64
CA VAL C 284 -10.27 13.51 0.82
C VAL C 284 -10.10 14.57 1.89
N LEU C 285 -11.15 15.34 2.20
CA LEU C 285 -11.08 16.25 3.33
C LEU C 285 -10.94 15.47 4.63
N MET C 286 -11.81 14.46 4.82
CA MET C 286 -11.73 13.63 6.02
C MET C 286 -10.42 12.85 6.05
N ALA C 287 -9.95 12.38 4.90
CA ALA C 287 -8.72 11.59 4.86
C ALA C 287 -7.51 12.45 5.18
N ILE C 288 -7.40 13.63 4.55
CA ILE C 288 -6.29 14.53 4.84
C ILE C 288 -6.32 14.98 6.30
N SER C 289 -7.51 15.23 6.83
CA SER C 289 -7.61 15.63 8.23
C SER C 289 -7.18 14.51 9.16
N PHE C 290 -7.61 13.29 8.88
CA PHE C 290 -7.36 12.18 9.79
C PHE C 290 -5.92 11.70 9.74
N ILE C 291 -5.35 11.61 8.54
CA ILE C 291 -4.02 11.03 8.39
C ILE C 291 -2.93 12.05 8.67
N PHE C 292 -3.08 13.26 8.15
CA PHE C 292 -2.06 14.30 8.31
C PHE C 292 -2.32 15.23 9.48
N GLY C 293 -3.27 14.90 10.34
CA GLY C 293 -3.59 15.70 11.49
C GLY C 293 -2.53 15.67 12.56
N PRO C 294 -2.28 14.50 13.15
CA PRO C 294 -1.28 14.42 14.22
C PRO C 294 0.11 14.81 13.75
N LEU C 295 0.91 15.34 14.69
CA LEU C 295 2.28 15.75 14.40
C LEU C 295 3.24 14.58 14.29
N ARG C 296 2.83 13.37 14.69
CA ARG C 296 3.70 12.21 14.62
C ARG C 296 4.06 11.88 13.18
N SER C 297 5.32 11.56 12.95
CA SER C 297 5.78 11.23 11.61
C SER C 297 5.28 9.85 11.19
N VAL C 298 4.59 9.80 10.05
CA VAL C 298 4.03 8.55 9.52
C VAL C 298 4.66 8.31 8.15
N THR C 299 5.08 7.08 7.91
CA THR C 299 5.69 6.74 6.63
C THR C 299 4.66 6.84 5.50
N LEU C 300 5.16 6.99 4.27
CA LEU C 300 4.29 7.18 3.13
C LEU C 300 3.44 5.95 2.86
N GLY C 301 4.03 4.75 2.99
CA GLY C 301 3.27 3.54 2.76
C GLY C 301 2.11 3.39 3.73
N GLN C 302 2.31 3.81 4.99
CA GLN C 302 1.24 3.73 5.97
C GLN C 302 0.15 4.76 5.69
N ARG C 303 0.53 5.96 5.23
CA ARG C 303 -0.46 6.97 4.88
C ARG C 303 -1.31 6.52 3.71
N ILE C 304 -0.67 6.13 2.60
CA ILE C 304 -1.40 5.66 1.43
C ILE C 304 -2.22 4.43 1.78
N PHE C 305 -1.68 3.55 2.62
CA PHE C 305 -2.39 2.32 2.99
C PHE C 305 -3.66 2.64 3.77
N THR C 306 -3.54 3.43 4.83
CA THR C 306 -4.71 3.78 5.63
C THR C 306 -5.72 4.60 4.84
N GLY C 307 -5.26 5.40 3.88
CA GLY C 307 -6.18 6.13 3.02
C GLY C 307 -6.92 5.22 2.07
N VAL C 308 -6.24 4.19 1.55
CA VAL C 308 -6.91 3.17 0.75
C VAL C 308 -7.95 2.45 1.60
N LEU C 309 -7.63 2.21 2.88
CA LEU C 309 -8.61 1.63 3.79
C LEU C 309 -9.83 2.52 3.93
N VAL C 310 -9.62 3.83 4.08
CA VAL C 310 -10.73 4.77 4.18
C VAL C 310 -11.57 4.73 2.92
N GLY C 311 -10.92 4.79 1.75
CA GLY C 311 -11.65 4.82 0.49
C GLY C 311 -12.46 3.57 0.25
N PHE C 312 -11.89 2.39 0.58
CA PHE C 312 -12.63 1.16 0.42
C PHE C 312 -13.76 1.04 1.44
N VAL C 313 -13.55 1.56 2.66
CA VAL C 313 -14.59 1.49 3.68
C VAL C 313 -15.79 2.33 3.29
N PHE C 314 -15.56 3.59 2.90
CA PHE C 314 -16.67 4.44 2.49
C PHE C 314 -17.25 3.99 1.14
N ARG C 315 -16.42 3.34 0.31
CA ARG C 315 -16.94 2.71 -0.90
C ARG C 315 -17.97 1.65 -0.55
N ILE C 316 -17.63 0.77 0.39
CA ILE C 316 -18.59 -0.21 0.89
C ILE C 316 -19.81 0.50 1.48
N ALA C 317 -19.58 1.64 2.14
CA ALA C 317 -20.68 2.36 2.79
C ALA C 317 -21.70 2.83 1.76
N GLN C 318 -21.24 3.45 0.66
CA GLN C 318 -22.17 3.90 -0.36
C GLN C 318 -22.80 2.71 -1.09
N ASP C 319 -22.01 1.64 -1.29
CA ASP C 319 -22.53 0.47 -1.99
C ASP C 319 -23.69 -0.17 -1.23
N LEU C 320 -23.58 -0.25 0.10
CA LEU C 320 -24.72 -0.75 0.88
C LEU C 320 -25.82 0.29 0.97
N LEU C 321 -25.46 1.57 1.08
CA LEU C 321 -26.41 2.63 1.38
C LEU C 321 -27.16 3.15 0.16
N GLY C 322 -26.91 2.62 -1.04
CA GLY C 322 -27.69 3.00 -2.20
C GLY C 322 -28.92 2.15 -2.39
N PRO C 323 -28.70 0.84 -2.68
CA PRO C 323 -29.82 -0.11 -2.70
C PRO C 323 -30.76 0.05 -1.51
N SER C 324 -30.19 0.12 -0.30
CA SER C 324 -31.02 0.35 0.88
C SER C 324 -31.65 1.74 0.87
N SER C 325 -31.09 2.68 0.12
CA SER C 325 -31.69 4.01 0.05
C SER C 325 -32.97 3.99 -0.78
N LEU C 326 -32.98 3.22 -1.86
CA LEU C 326 -34.16 3.27 -2.74
C LEU C 326 -35.13 2.11 -2.59
N VAL C 327 -34.72 1.01 -1.94
CA VAL C 327 -35.68 -0.04 -1.65
C VAL C 327 -36.73 0.47 -0.67
N PHE C 328 -36.35 1.43 0.17
CA PHE C 328 -37.28 2.02 1.14
C PHE C 328 -37.83 3.36 0.65
N ASP C 329 -37.51 3.74 -0.58
CA ASP C 329 -38.12 4.88 -1.28
C ASP C 329 -37.88 6.19 -0.54
N PHE C 330 -36.61 6.55 -0.43
CA PHE C 330 -36.16 7.86 0.00
C PHE C 330 -35.84 8.71 -1.21
N PRO C 331 -35.65 10.01 -1.04
CA PRO C 331 -35.16 10.84 -2.14
C PRO C 331 -33.74 10.47 -2.51
N PRO C 332 -33.40 10.45 -3.80
CA PRO C 332 -32.05 10.01 -4.20
C PRO C 332 -30.96 11.01 -3.88
N LEU C 333 -31.31 12.27 -3.64
CA LEU C 333 -30.29 13.29 -3.37
C LEU C 333 -29.65 13.05 -2.00
N LEU C 334 -30.47 12.91 -0.96
CA LEU C 334 -29.95 12.66 0.38
C LEU C 334 -29.17 11.35 0.45
N ALA C 335 -29.42 10.42 -0.47
CA ALA C 335 -28.68 9.16 -0.51
C ALA C 335 -27.18 9.42 -0.66
N VAL C 336 -26.80 10.25 -1.62
CA VAL C 336 -25.40 10.60 -1.81
C VAL C 336 -24.96 11.77 -0.93
N VAL C 337 -25.90 12.58 -0.44
CA VAL C 337 -25.53 13.77 0.32
C VAL C 337 -25.18 13.42 1.77
N ILE C 338 -25.90 12.47 2.37
CA ILE C 338 -25.74 12.21 3.80
C ILE C 338 -24.37 11.60 4.11
N PRO C 339 -23.91 10.54 3.43
CA PRO C 339 -22.53 10.08 3.68
C PRO C 339 -21.48 11.13 3.35
N ALA C 340 -21.70 11.90 2.29
CA ALA C 340 -20.75 12.98 1.96
C ALA C 340 -20.70 14.01 3.07
N SER C 341 -21.86 14.35 3.66
CA SER C 341 -21.87 15.30 4.76
C SER C 341 -21.29 14.69 6.04
N ILE C 342 -21.35 13.37 6.18
CA ILE C 342 -20.75 12.73 7.35
C ILE C 342 -19.24 12.77 7.24
N CYS C 343 -18.70 12.44 6.07
CA CYS C 343 -17.26 12.57 5.86
C CYS C 343 -16.82 14.03 5.98
N ALA C 344 -17.66 14.96 5.53
CA ALA C 344 -17.31 16.37 5.59
C ALA C 344 -17.25 16.86 7.03
N LEU C 345 -18.32 16.63 7.79
CA LEU C 345 -18.36 17.10 9.18
C LEU C 345 -17.32 16.37 10.04
N ALA C 346 -17.10 15.08 9.77
CA ALA C 346 -16.04 14.36 10.48
C ALA C 346 -14.67 14.97 10.16
N GLY C 347 -14.45 15.34 8.90
CA GLY C 347 -13.22 16.00 8.54
C GLY C 347 -13.07 17.35 9.21
N VAL C 348 -14.19 18.06 9.40
CA VAL C 348 -14.14 19.36 10.06
C VAL C 348 -13.79 19.20 11.54
N TRP C 349 -14.48 18.28 12.23
CA TRP C 349 -14.18 18.02 13.63
C TRP C 349 -12.74 17.55 13.81
N LEU C 350 -12.24 16.76 12.86
CA LEU C 350 -10.83 16.36 12.91
C LEU C 350 -9.90 17.54 12.66
N LEU C 351 -10.29 18.49 11.82
CA LEU C 351 -9.50 19.69 11.64
C LEU C 351 -9.42 20.48 12.94
N ARG C 352 -10.55 20.63 13.64
CA ARG C 352 -10.55 21.35 14.91
C ARG C 352 -9.84 20.57 16.00
N ARG C 353 -9.71 19.25 15.86
CA ARG C 353 -8.90 18.47 16.79
C ARG C 353 -7.42 18.78 16.58
N ALA C 354 -6.94 18.67 15.35
CA ALA C 354 -5.56 18.96 14.99
C ALA C 354 -4.56 18.16 15.84
N MET D 1 19.22 -22.40 17.19
CA MET D 1 17.85 -22.77 16.85
C MET D 1 16.86 -21.71 17.35
N ILE D 2 17.33 -20.83 18.24
CA ILE D 2 16.47 -19.78 18.76
C ILE D 2 15.97 -18.88 17.64
N VAL D 3 16.78 -18.68 16.60
CA VAL D 3 16.34 -17.91 15.45
C VAL D 3 15.19 -18.62 14.73
N PHE D 4 15.29 -19.94 14.59
CA PHE D 4 14.25 -20.72 13.93
C PHE D 4 12.90 -20.49 14.60
N ARG D 5 12.82 -20.76 15.91
CA ARG D 5 11.56 -20.62 16.62
C ARG D 5 11.13 -19.15 16.72
N TYR D 6 12.10 -18.22 16.75
CA TYR D 6 11.77 -16.81 16.81
C TYR D 6 11.06 -16.36 15.54
N LEU D 7 11.75 -16.43 14.40
CA LEU D 7 11.16 -16.00 13.13
C LEU D 7 9.93 -16.81 12.80
N SER D 8 9.95 -18.11 13.14
CA SER D 8 8.80 -18.96 12.84
C SER D 8 7.58 -18.54 13.64
N ARG D 9 7.75 -18.29 14.94
CA ARG D 9 6.63 -17.84 15.75
C ARG D 9 6.10 -16.49 15.28
N GLU D 10 7.01 -15.56 14.98
CA GLU D 10 6.57 -14.24 14.51
C GLU D 10 5.78 -14.34 13.21
N VAL D 11 6.30 -15.12 12.25
CA VAL D 11 5.64 -15.27 10.96
C VAL D 11 4.29 -15.94 11.13
N LEU D 12 4.22 -16.98 11.97
CA LEU D 12 2.97 -17.71 12.14
C LEU D 12 1.90 -16.86 12.81
N VAL D 13 2.26 -16.13 13.87
CA VAL D 13 1.26 -15.31 14.56
C VAL D 13 0.84 -14.13 13.70
N THR D 14 1.78 -13.55 12.95
CA THR D 14 1.44 -12.45 12.07
C THR D 14 0.51 -12.90 10.95
N MET D 15 0.85 -14.01 10.28
CA MET D 15 0.00 -14.53 9.23
C MET D 15 -1.35 -14.97 9.78
N SER D 16 -1.39 -15.37 11.06
CA SER D 16 -2.67 -15.74 11.66
C SER D 16 -3.54 -14.51 11.89
N ALA D 17 -2.93 -13.40 12.33
CA ALA D 17 -3.69 -12.16 12.48
C ALA D 17 -4.20 -11.66 11.14
N VAL D 18 -3.32 -11.63 10.13
CA VAL D 18 -3.72 -11.15 8.82
C VAL D 18 -4.81 -12.05 8.22
N SER D 19 -4.66 -13.36 8.37
CA SER D 19 -5.68 -14.27 7.86
C SER D 19 -6.99 -14.14 8.61
N ALA D 20 -6.94 -13.77 9.90
CA ALA D 20 -8.17 -13.51 10.63
C ALA D 20 -8.86 -12.25 10.11
N VAL D 21 -8.09 -11.19 9.88
CA VAL D 21 -8.68 -9.95 9.35
C VAL D 21 -9.30 -10.20 7.98
N LEU D 22 -8.51 -10.76 7.06
CA LEU D 22 -9.03 -11.06 5.72
C LEU D 22 -10.22 -12.00 5.77
N LEU D 23 -10.20 -12.97 6.70
CA LEU D 23 -11.30 -13.91 6.80
C LEU D 23 -12.58 -13.22 7.25
N VAL D 24 -12.49 -12.36 8.27
CA VAL D 24 -13.67 -11.63 8.71
C VAL D 24 -14.18 -10.72 7.60
N ILE D 25 -13.27 -10.13 6.82
CA ILE D 25 -13.68 -9.25 5.73
C ILE D 25 -14.46 -10.04 4.67
N ILE D 26 -13.86 -11.10 4.15
CA ILE D 26 -14.49 -11.88 3.08
C ILE D 26 -15.79 -12.50 3.57
N MET D 27 -15.76 -13.08 4.77
CA MET D 27 -16.97 -13.70 5.32
C MET D 27 -18.05 -12.66 5.58
N SER D 28 -17.66 -11.40 5.81
CA SER D 28 -18.65 -10.36 6.03
C SER D 28 -19.26 -9.88 4.72
N GLY D 29 -18.45 -9.80 3.65
CA GLY D 29 -19.01 -9.45 2.35
C GLY D 29 -19.91 -10.54 1.80
N ARG D 30 -19.40 -11.78 1.76
CA ARG D 30 -20.22 -12.91 1.35
C ARG D 30 -21.44 -13.06 2.25
N PHE D 31 -21.28 -12.75 3.54
CA PHE D 31 -22.43 -12.76 4.44
C PHE D 31 -23.44 -11.70 4.05
N ILE D 32 -22.97 -10.53 3.59
CA ILE D 32 -23.89 -9.49 3.14
C ILE D 32 -24.61 -9.94 1.88
N LYS D 33 -23.96 -10.70 1.01
CA LYS D 33 -24.62 -11.19 -0.19
C LYS D 33 -25.61 -12.32 0.10
N TYR D 34 -25.29 -13.19 1.06
CA TYR D 34 -26.19 -14.30 1.38
C TYR D 34 -27.38 -13.85 2.22
N LEU D 35 -27.14 -12.99 3.22
CA LEU D 35 -28.25 -12.33 3.92
C LEU D 35 -29.06 -11.48 2.95
N ALA D 36 -28.39 -10.89 1.96
CA ALA D 36 -29.10 -10.12 0.93
C ALA D 36 -30.07 -11.02 0.16
N GLN D 37 -29.55 -12.10 -0.44
CA GLN D 37 -30.42 -13.03 -1.16
C GLN D 37 -31.49 -13.61 -0.26
N ALA D 38 -31.19 -13.78 1.03
CA ALA D 38 -32.17 -14.25 2.00
C ALA D 38 -33.20 -13.20 2.36
N ALA D 39 -32.94 -11.93 2.04
CA ALA D 39 -33.92 -10.87 2.23
C ALA D 39 -34.71 -10.54 0.97
N GLN D 40 -34.14 -10.78 -0.21
CA GLN D 40 -34.82 -10.47 -1.46
C GLN D 40 -35.93 -11.47 -1.77
N GLY D 41 -35.69 -12.75 -1.52
CA GLY D 41 -36.69 -13.76 -1.81
C GLY D 41 -37.00 -14.67 -0.63
N LEU D 42 -36.53 -14.28 0.55
CA LEU D 42 -36.71 -15.06 1.78
C LEU D 42 -36.22 -16.49 1.58
N LEU D 43 -35.01 -16.61 1.03
CA LEU D 43 -34.41 -17.90 0.73
C LEU D 43 -33.56 -18.34 1.92
N ASP D 44 -33.99 -19.42 2.59
CA ASP D 44 -33.26 -20.02 3.69
C ASP D 44 -32.94 -18.99 4.78
N PRO D 45 -33.94 -18.51 5.52
CA PRO D 45 -33.65 -17.50 6.54
C PRO D 45 -32.90 -18.04 7.74
N GLY D 46 -33.12 -19.31 8.10
CA GLY D 46 -32.57 -19.86 9.32
C GLY D 46 -31.14 -20.38 9.20
N SER D 47 -30.85 -21.08 8.11
CA SER D 47 -29.58 -21.80 7.97
C SER D 47 -28.59 -21.09 7.06
N LEU D 48 -28.69 -19.76 6.93
CA LEU D 48 -27.64 -19.04 6.23
C LEU D 48 -26.32 -19.09 7.00
N PHE D 49 -26.41 -19.23 8.33
CA PHE D 49 -25.22 -19.54 9.13
C PHE D 49 -24.58 -20.83 8.68
N LEU D 50 -25.39 -21.86 8.37
CA LEU D 50 -24.87 -23.10 7.84
C LEU D 50 -24.32 -22.92 6.42
N ILE D 51 -24.95 -22.05 5.64
CA ILE D 51 -24.45 -21.77 4.28
C ILE D 51 -23.05 -21.19 4.35
N MET D 52 -22.87 -20.14 5.15
CA MET D 52 -21.54 -19.58 5.34
C MET D 52 -20.59 -20.62 5.92
N ALA D 53 -21.06 -21.42 6.88
CA ALA D 53 -20.23 -22.48 7.44
C ALA D 53 -19.73 -23.44 6.38
N PHE D 54 -20.53 -23.64 5.32
CA PHE D 54 -20.06 -24.44 4.20
C PHE D 54 -19.14 -23.64 3.28
N ARG D 55 -19.28 -22.32 3.25
CA ARG D 55 -18.42 -21.47 2.43
C ARG D 55 -17.09 -21.11 3.10
N ILE D 56 -16.87 -21.51 4.36
CA ILE D 56 -15.63 -21.15 5.05
C ILE D 56 -14.39 -21.73 4.38
N PRO D 57 -14.31 -23.05 4.10
CA PRO D 57 -13.05 -23.58 3.54
C PRO D 57 -12.71 -23.02 2.17
N GLY D 58 -13.72 -22.75 1.34
CA GLY D 58 -13.47 -22.15 0.04
C GLY D 58 -12.85 -20.77 0.12
N PHE D 59 -13.05 -20.06 1.23
CA PHE D 59 -12.45 -18.75 1.43
C PHE D 59 -11.08 -18.86 2.10
N LEU D 60 -11.00 -19.63 3.19
CA LEU D 60 -9.74 -19.83 3.87
C LEU D 60 -8.68 -20.42 2.94
N GLN D 61 -9.11 -21.21 1.96
CA GLN D 61 -8.17 -21.81 1.01
C GLN D 61 -7.34 -20.75 0.30
N LEU D 62 -8.01 -19.74 -0.26
CA LEU D 62 -7.29 -18.70 -0.99
C LEU D 62 -6.79 -17.59 -0.07
N ILE D 63 -7.31 -17.49 1.15
CA ILE D 63 -6.86 -16.44 2.06
C ILE D 63 -5.55 -16.82 2.73
N LEU D 64 -5.38 -18.09 3.09
CA LEU D 64 -4.18 -18.50 3.84
C LEU D 64 -2.87 -18.18 3.12
N PRO D 65 -2.70 -18.46 1.83
CA PRO D 65 -1.40 -18.15 1.20
C PRO D 65 -1.10 -16.66 1.14
N LEU D 66 -2.10 -15.83 0.81
CA LEU D 66 -1.91 -14.39 0.83
C LEU D 66 -1.55 -13.90 2.24
N GLY D 67 -2.23 -14.44 3.25
CA GLY D 67 -1.87 -14.13 4.62
C GLY D 67 -0.46 -14.53 4.97
N LEU D 68 0.05 -15.59 4.33
CA LEU D 68 1.46 -15.94 4.51
C LEU D 68 2.35 -14.90 3.84
N PHE D 69 2.06 -14.54 2.60
CA PHE D 69 2.76 -13.50 1.85
C PHE D 69 2.93 -12.25 2.70
N LEU D 70 1.81 -11.57 2.99
CA LEU D 70 1.87 -10.36 3.80
C LEU D 70 2.35 -10.66 5.22
N GLY D 71 2.27 -11.92 5.65
CA GLY D 71 2.80 -12.27 6.96
C GLY D 71 4.31 -12.13 7.04
N ILE D 72 5.02 -12.80 6.13
CA ILE D 72 6.47 -12.69 6.13
C ILE D 72 6.90 -11.29 5.70
N LEU D 73 6.13 -10.64 4.84
CA LEU D 73 6.45 -9.26 4.48
C LEU D 73 6.39 -8.35 5.70
N LEU D 74 5.33 -8.47 6.51
CA LEU D 74 5.17 -7.60 7.67
C LEU D 74 6.18 -7.93 8.77
N ALA D 75 6.32 -9.23 9.10
CA ALA D 75 7.21 -9.62 10.18
C ALA D 75 8.67 -9.35 9.83
N TYR D 76 9.09 -9.78 8.63
CA TYR D 76 10.46 -9.50 8.22
C TYR D 76 10.69 -8.02 8.04
N GLY D 77 9.68 -7.27 7.59
CA GLY D 77 9.80 -5.81 7.59
C GLY D 77 10.06 -5.27 8.98
N ARG D 78 9.37 -5.81 9.98
CA ARG D 78 9.61 -5.43 11.36
C ARG D 78 11.05 -5.71 11.77
N LEU D 79 11.57 -6.88 11.40
CA LEU D 79 12.95 -7.21 11.76
C LEU D 79 13.97 -6.33 11.04
N TYR D 80 13.68 -5.93 9.80
CA TYR D 80 14.61 -5.08 9.07
C TYR D 80 14.61 -3.67 9.62
N LEU D 81 13.42 -3.14 9.95
CA LEU D 81 13.32 -1.77 10.44
C LEU D 81 14.09 -1.61 11.75
N GLU D 82 13.93 -2.56 12.67
CA GLU D 82 14.55 -2.49 13.99
C GLU D 82 15.95 -3.11 14.01
N SER D 83 16.60 -3.20 12.85
CA SER D 83 18.00 -3.61 12.73
C SER D 83 18.26 -5.01 13.27
N GLU D 84 17.23 -5.84 13.41
CA GLU D 84 17.44 -7.21 13.87
C GLU D 84 17.99 -8.09 12.75
N MET D 85 17.43 -7.97 11.55
CA MET D 85 17.92 -8.75 10.42
C MET D 85 19.32 -8.34 10.01
N THR D 86 19.68 -7.07 10.25
CA THR D 86 21.02 -6.59 9.91
C THR D 86 22.08 -7.30 10.74
N VAL D 87 21.97 -7.22 12.07
CA VAL D 87 22.86 -7.96 12.94
C VAL D 87 22.64 -9.46 12.87
N LEU D 88 21.54 -9.90 12.26
CA LEU D 88 21.34 -11.32 12.00
C LEU D 88 22.23 -11.81 10.87
N SER D 89 22.20 -11.12 9.73
CA SER D 89 23.04 -11.50 8.60
C SER D 89 24.47 -10.98 8.74
N ALA D 90 24.70 -10.04 9.66
CA ALA D 90 26.05 -9.60 9.96
C ALA D 90 26.81 -10.59 10.83
N THR D 91 26.21 -11.73 11.15
CA THR D 91 26.84 -12.76 11.97
C THR D 91 27.18 -14.02 11.20
N GLY D 92 26.42 -14.33 10.15
CA GLY D 92 26.73 -15.50 9.33
C GLY D 92 25.49 -16.21 8.84
N MET D 93 24.35 -15.51 8.80
CA MET D 93 23.10 -16.10 8.35
C MET D 93 22.95 -15.80 6.86
N SER D 94 23.14 -16.83 6.04
CA SER D 94 22.95 -16.69 4.60
C SER D 94 21.48 -16.50 4.29
N GLN D 95 21.20 -15.79 3.19
CA GLN D 95 19.83 -15.60 2.76
C GLN D 95 19.17 -16.92 2.37
N LYS D 96 19.98 -17.89 1.92
CA LYS D 96 19.46 -19.24 1.73
C LYS D 96 18.95 -19.82 3.04
N ARG D 97 19.75 -19.69 4.10
CA ARG D 97 19.33 -20.17 5.42
C ARG D 97 18.05 -19.47 5.87
N LEU D 98 17.94 -18.16 5.62
CA LEU D 98 16.71 -17.45 5.92
C LEU D 98 15.54 -18.02 5.12
N LEU D 99 15.80 -18.42 3.87
CA LEU D 99 14.74 -18.99 3.05
C LEU D 99 14.33 -20.36 3.54
N GLY D 100 15.23 -21.09 4.19
CA GLY D 100 14.86 -22.37 4.78
C GLY D 100 14.06 -22.20 6.05
N TYR D 101 14.60 -21.40 6.98
CA TYR D 101 13.88 -21.06 8.21
C TYR D 101 12.48 -20.57 7.90
N THR D 102 12.34 -19.71 6.89
CA THR D 102 11.03 -19.26 6.44
C THR D 102 10.29 -20.39 5.72
N MET D 103 11.02 -21.33 5.13
CA MET D 103 10.41 -22.35 4.29
C MET D 103 9.73 -23.45 5.11
N ALA D 104 10.14 -23.66 6.36
CA ALA D 104 9.43 -24.65 7.18
C ALA D 104 8.00 -24.24 7.47
N PRO D 105 7.69 -23.03 7.95
CA PRO D 105 6.28 -22.63 8.06
C PRO D 105 5.55 -22.64 6.73
N ALA D 106 6.25 -22.39 5.62
CA ALA D 106 5.63 -22.56 4.31
C ALA D 106 5.23 -24.00 4.07
N LEU D 107 5.99 -24.95 4.62
CA LEU D 107 5.61 -26.35 4.51
C LEU D 107 4.39 -26.66 5.39
N LEU D 108 4.38 -26.14 6.62
CA LEU D 108 3.23 -26.32 7.50
C LEU D 108 1.96 -25.79 6.85
N VAL D 109 1.95 -24.50 6.52
CA VAL D 109 0.78 -23.89 5.89
C VAL D 109 0.48 -24.56 4.57
N ALA D 110 1.50 -25.05 3.87
CA ALA D 110 1.24 -25.80 2.64
C ALA D 110 0.47 -27.08 2.91
N ILE D 111 0.72 -27.72 4.05
CA ILE D 111 -0.04 -28.92 4.41
C ILE D 111 -1.46 -28.54 4.83
N LEU D 112 -1.60 -27.43 5.57
CA LEU D 112 -2.92 -27.00 6.01
C LEU D 112 -3.81 -26.64 4.83
N VAL D 113 -3.29 -25.82 3.91
CA VAL D 113 -4.03 -25.46 2.71
C VAL D 113 -4.14 -26.65 1.76
N ALA D 114 -3.27 -27.65 1.90
CA ALA D 114 -3.36 -28.84 1.05
C ALA D 114 -4.53 -29.72 1.48
N TRP D 115 -4.59 -30.06 2.77
CA TRP D 115 -5.70 -30.88 3.26
C TRP D 115 -7.00 -30.11 3.22
N LEU D 116 -6.96 -28.80 3.47
CA LEU D 116 -8.16 -27.98 3.37
C LEU D 116 -8.65 -27.89 1.93
N SER D 117 -7.73 -27.71 0.99
CA SER D 117 -8.09 -27.54 -0.41
C SER D 117 -8.59 -28.86 -1.02
N LEU D 118 -7.92 -29.96 -0.71
CA LEU D 118 -8.30 -31.26 -1.26
C LEU D 118 -9.57 -31.80 -0.60
N PHE D 119 -9.68 -31.66 0.73
CA PHE D 119 -10.75 -32.28 1.49
C PHE D 119 -11.90 -31.33 1.81
N LEU D 120 -11.61 -30.19 2.43
CA LEU D 120 -12.67 -29.34 2.98
C LEU D 120 -13.43 -28.55 1.93
N ALA D 121 -12.85 -28.30 0.76
CA ALA D 121 -13.55 -27.54 -0.26
C ALA D 121 -14.61 -28.39 -0.96
N PRO D 122 -14.28 -29.58 -1.49
CA PRO D 122 -15.34 -30.40 -2.09
C PRO D 122 -16.41 -30.83 -1.09
N GLN D 123 -16.06 -30.96 0.19
CA GLN D 123 -17.06 -31.31 1.20
C GLN D 123 -17.99 -30.13 1.48
N GLY D 124 -17.41 -28.95 1.69
CA GLY D 124 -18.24 -27.78 1.98
C GLY D 124 -19.13 -27.41 0.82
N ILE D 125 -18.56 -27.38 -0.39
CA ILE D 125 -19.37 -27.11 -1.58
C ILE D 125 -20.32 -28.27 -1.86
N ASN D 126 -20.00 -29.48 -1.40
CA ASN D 126 -20.91 -30.60 -1.57
C ASN D 126 -22.15 -30.45 -0.70
N GLN D 127 -21.98 -30.23 0.60
CA GLN D 127 -23.12 -30.04 1.49
C GLN D 127 -23.90 -28.80 1.11
N PHE D 128 -23.19 -27.68 0.90
CA PHE D 128 -23.84 -26.47 0.41
C PHE D 128 -24.61 -26.72 -0.88
N ALA D 129 -24.11 -27.64 -1.71
CA ALA D 129 -24.76 -27.90 -2.99
C ALA D 129 -25.99 -28.78 -2.81
N LEU D 130 -25.98 -29.69 -1.83
CA LEU D 130 -27.14 -30.54 -1.61
C LEU D 130 -28.27 -29.76 -0.93
N LEU D 131 -27.94 -29.05 0.16
CA LEU D 131 -28.91 -28.14 0.77
C LEU D 131 -29.47 -27.18 -0.28
N LEU D 132 -28.57 -26.50 -1.00
CA LEU D 132 -29.00 -25.55 -2.03
C LEU D 132 -29.88 -26.23 -3.07
N ASN D 133 -29.58 -27.47 -3.42
CA ASN D 133 -30.35 -28.15 -4.46
C ASN D 133 -31.74 -28.54 -3.98
N LYS D 134 -31.90 -28.81 -2.68
CA LYS D 134 -33.23 -29.12 -2.17
C LYS D 134 -34.04 -27.85 -1.89
N GLN D 135 -33.58 -27.03 -0.94
CA GLN D 135 -34.27 -25.80 -0.61
C GLN D 135 -34.42 -24.89 -1.83
N ASP D 136 -33.61 -25.10 -2.86
CA ASP D 136 -33.75 -24.34 -4.10
C ASP D 136 -34.46 -25.10 -5.20
N THR D 137 -34.55 -26.43 -5.11
CA THR D 137 -35.42 -27.16 -6.02
C THR D 137 -36.89 -27.02 -5.66
N LEU D 138 -37.20 -26.62 -4.43
CA LEU D 138 -38.57 -26.27 -4.08
C LEU D 138 -38.76 -24.81 -3.69
N THR D 139 -37.67 -24.06 -3.44
CA THR D 139 -37.78 -22.65 -3.09
C THR D 139 -37.22 -21.71 -4.14
N GLU D 140 -36.37 -22.20 -5.05
CA GLU D 140 -35.81 -21.35 -6.10
C GLU D 140 -36.82 -21.09 -7.22
N PHE D 141 -38.07 -21.49 -7.04
CA PHE D 141 -39.14 -21.40 -8.04
C PHE D 141 -38.62 -21.68 -9.44
N ASP D 142 -37.78 -22.72 -9.57
CA ASP D 142 -37.25 -23.08 -10.88
C ASP D 142 -38.36 -23.50 -11.84
N THR D 143 -39.42 -24.10 -11.33
CA THR D 143 -40.57 -24.41 -12.16
C THR D 143 -41.21 -23.12 -12.66
N LEU D 144 -41.89 -23.22 -13.80
CA LEU D 144 -42.55 -22.06 -14.38
C LEU D 144 -43.71 -21.61 -13.49
N VAL D 145 -44.16 -20.39 -13.73
CA VAL D 145 -45.23 -19.78 -12.94
C VAL D 145 -46.59 -20.42 -13.19
N PRO D 146 -46.96 -20.83 -14.43
CA PRO D 146 -46.31 -20.96 -15.74
C PRO D 146 -45.64 -19.68 -16.25
N GLY D 147 -46.37 -18.57 -16.31
CA GLY D 147 -45.77 -17.40 -16.90
C GLY D 147 -45.28 -17.70 -18.30
N ARG D 148 -44.17 -17.06 -18.70
CA ARG D 148 -43.59 -17.33 -20.01
C ARG D 148 -42.09 -17.10 -19.97
N PHE D 149 -41.39 -17.82 -20.85
CA PHE D 149 -40.00 -17.52 -21.20
C PHE D 149 -39.04 -17.63 -20.02
N GLN D 150 -38.64 -18.85 -19.68
CA GLN D 150 -37.54 -19.09 -18.75
C GLN D 150 -36.28 -19.38 -19.55
N ALA D 151 -35.15 -18.84 -19.09
CA ALA D 151 -33.89 -18.97 -19.79
C ALA D 151 -32.82 -19.48 -18.83
N MET D 152 -31.86 -20.22 -19.39
CA MET D 152 -30.78 -20.82 -18.60
C MET D 152 -29.49 -20.04 -18.80
N ARG D 153 -28.84 -19.68 -17.69
CA ARG D 153 -27.49 -19.15 -17.62
C ARG D 153 -27.11 -18.27 -18.81
N ASP D 154 -26.68 -18.89 -19.91
CA ASP D 154 -26.21 -18.17 -21.09
C ASP D 154 -27.35 -17.53 -21.86
N GLY D 155 -28.50 -18.18 -21.91
CA GLY D 155 -29.53 -17.83 -22.85
C GLY D 155 -29.57 -18.71 -24.09
N THR D 156 -28.93 -19.88 -24.04
CA THR D 156 -28.90 -20.78 -25.18
C THR D 156 -30.26 -21.45 -25.39
N ARG D 157 -30.92 -21.87 -24.31
CA ARG D 157 -32.20 -22.54 -24.40
C ARG D 157 -33.27 -21.74 -23.69
N VAL D 158 -34.51 -21.87 -24.16
CA VAL D 158 -35.65 -21.16 -23.63
C VAL D 158 -36.85 -22.10 -23.64
N THR D 159 -37.48 -22.27 -22.48
CA THR D 159 -38.66 -23.12 -22.32
C THR D 159 -39.86 -22.24 -21.98
N TYR D 160 -40.94 -22.40 -22.75
CA TYR D 160 -42.13 -21.57 -22.60
C TYR D 160 -43.35 -22.48 -22.53
N THR D 161 -44.26 -22.16 -21.60
CA THR D 161 -45.44 -22.97 -21.35
C THR D 161 -46.54 -22.06 -20.80
N GLU D 162 -47.79 -22.44 -21.04
CA GLU D 162 -48.93 -21.65 -20.61
C GLU D 162 -49.62 -22.19 -19.36
N GLU D 163 -49.24 -23.36 -18.87
CA GLU D 163 -49.97 -23.97 -17.76
C GLU D 163 -49.11 -25.01 -17.07
N LEU D 164 -49.24 -25.07 -15.74
CA LEU D 164 -48.71 -26.16 -14.92
C LEU D 164 -49.87 -26.91 -14.28
N SER D 165 -49.59 -28.11 -13.80
CA SER D 165 -50.62 -29.03 -13.31
C SER D 165 -50.56 -29.15 -11.79
N LYS D 166 -51.45 -30.01 -11.27
CA LYS D 166 -51.44 -30.36 -9.85
C LYS D 166 -50.11 -30.99 -9.47
N ASP D 167 -49.67 -31.97 -10.25
CA ASP D 167 -48.37 -32.60 -10.07
C ASP D 167 -47.22 -31.72 -10.49
N ARG D 168 -47.50 -30.45 -10.82
CA ARG D 168 -46.58 -29.53 -11.47
C ARG D 168 -45.71 -30.28 -12.47
N GLY D 169 -46.32 -31.20 -13.20
CA GLY D 169 -45.60 -32.08 -14.09
C GLY D 169 -46.31 -32.32 -15.41
N GLU D 170 -47.39 -31.59 -15.64
CA GLU D 170 -48.01 -31.50 -16.94
C GLU D 170 -47.86 -30.09 -17.47
N LEU D 171 -47.92 -29.95 -18.80
CA LEU D 171 -47.68 -28.69 -19.47
C LEU D 171 -48.72 -28.53 -20.58
N ALA D 172 -48.74 -27.34 -21.18
CA ALA D 172 -49.67 -27.06 -22.28
C ALA D 172 -49.16 -25.82 -23.03
N GLY D 173 -49.22 -25.88 -24.36
CA GLY D 173 -48.73 -24.78 -25.17
C GLY D 173 -47.24 -24.56 -24.99
N ILE D 174 -46.43 -25.51 -25.48
CA ILE D 174 -45.00 -25.53 -25.22
C ILE D 174 -44.26 -24.95 -26.42
N PHE D 175 -43.16 -24.25 -26.15
CA PHE D 175 -42.22 -23.89 -27.20
C PHE D 175 -40.83 -23.77 -26.60
N ILE D 176 -39.85 -24.41 -27.24
CA ILE D 176 -38.47 -24.46 -26.77
C ILE D 176 -37.57 -23.97 -27.89
N SER D 177 -36.53 -23.21 -27.51
CA SER D 177 -35.57 -22.68 -28.48
C SER D 177 -34.16 -22.89 -27.92
N GLN D 178 -33.37 -23.74 -28.59
CA GLN D 178 -32.08 -24.14 -28.07
C GLN D 178 -31.01 -24.07 -29.16
N LYS D 179 -29.77 -23.93 -28.71
CA LYS D 179 -28.58 -24.20 -29.52
C LYS D 179 -27.78 -25.31 -28.86
N ASP D 180 -26.89 -25.92 -29.63
CA ASP D 180 -26.09 -27.05 -29.17
C ASP D 180 -24.68 -26.57 -28.85
N LEU D 181 -24.23 -26.86 -27.64
CA LEU D 181 -22.86 -26.55 -27.21
C LEU D 181 -22.53 -25.07 -27.35
N SER D 184 -22.12 -24.47 -30.66
CA SER D 184 -20.88 -23.91 -31.20
C SER D 184 -20.90 -23.89 -32.72
N ASN D 185 -19.73 -24.07 -33.32
CA ASN D 185 -19.62 -24.11 -34.77
C ASN D 185 -20.41 -25.29 -35.34
N GLN D 186 -20.22 -26.47 -34.77
CA GLN D 186 -20.96 -27.65 -35.20
C GLN D 186 -22.44 -27.50 -34.87
N GLU D 187 -23.29 -27.86 -35.84
CA GLU D 187 -24.74 -27.77 -35.69
C GLU D 187 -25.17 -26.36 -35.28
N ARG D 188 -24.55 -25.37 -35.94
CA ARG D 188 -24.82 -23.96 -35.67
C ARG D 188 -26.30 -23.60 -35.68
N GLY D 189 -27.15 -24.45 -36.24
CA GLY D 189 -28.55 -24.11 -36.37
C GLY D 189 -29.28 -24.12 -35.04
N ILE D 190 -30.29 -23.26 -34.95
CA ILE D 190 -31.14 -23.15 -33.77
C ILE D 190 -32.32 -24.09 -33.93
N SER D 191 -32.69 -24.77 -32.85
CA SER D 191 -33.77 -25.74 -32.86
C SER D 191 -34.94 -25.21 -32.04
N ILE D 192 -36.15 -25.34 -32.57
CA ILE D 192 -37.35 -24.85 -31.92
C ILE D 192 -38.44 -25.92 -31.99
N LEU D 193 -39.18 -26.09 -30.90
CA LEU D 193 -40.23 -27.10 -30.80
C LEU D 193 -41.50 -26.47 -30.26
N VAL D 194 -42.64 -26.84 -30.84
CA VAL D 194 -43.96 -26.32 -30.46
C VAL D 194 -44.87 -27.49 -30.13
N ALA D 195 -45.74 -27.29 -29.14
CA ALA D 195 -46.52 -28.40 -28.60
C ALA D 195 -47.85 -27.92 -28.05
N GLU D 196 -48.84 -28.82 -28.11
CA GLU D 196 -50.15 -28.64 -27.48
C GLU D 196 -50.11 -29.07 -26.01
N LYS D 197 -49.80 -30.34 -25.78
CA LYS D 197 -49.73 -30.90 -24.44
C LYS D 197 -48.33 -31.43 -24.18
N GLY D 198 -47.78 -31.07 -23.02
CA GLY D 198 -46.57 -31.69 -22.53
C GLY D 198 -46.75 -32.12 -21.10
N THR D 199 -45.89 -33.05 -20.67
CA THR D 199 -45.90 -33.56 -19.31
C THR D 199 -44.47 -33.68 -18.81
N GLN D 200 -44.16 -32.97 -17.73
CA GLN D 200 -42.83 -32.90 -17.15
C GLN D 200 -42.69 -33.93 -16.03
N ASN D 201 -41.58 -34.64 -16.02
CA ASN D 201 -41.26 -35.59 -14.96
C ASN D 201 -39.94 -35.17 -14.33
N ILE D 202 -39.92 -35.05 -13.01
CA ILE D 202 -38.71 -34.70 -12.27
C ILE D 202 -38.24 -35.93 -11.52
N GLN D 203 -36.91 -36.08 -11.41
CA GLN D 203 -36.28 -37.22 -10.76
C GLN D 203 -35.86 -36.85 -9.35
N ALA D 204 -36.02 -37.78 -8.42
CA ALA D 204 -35.65 -37.53 -7.02
C ALA D 204 -34.18 -37.14 -6.90
N ASP D 205 -33.32 -37.76 -7.70
CA ASP D 205 -31.90 -37.40 -7.68
C ASP D 205 -31.70 -35.98 -8.19
N GLY D 206 -32.49 -35.55 -9.16
CA GLY D 206 -32.37 -34.21 -9.69
C GLY D 206 -32.81 -34.18 -11.14
N SER D 207 -32.67 -32.99 -11.74
CA SER D 207 -32.98 -32.74 -13.15
C SER D 207 -34.46 -32.94 -13.44
N ARG D 208 -34.83 -32.85 -14.72
CA ARG D 208 -36.22 -32.98 -15.13
C ARG D 208 -36.28 -33.53 -16.55
N TYR D 209 -37.32 -34.32 -16.82
CA TYR D 209 -37.54 -34.95 -18.11
C TYR D 209 -38.99 -34.75 -18.50
N LEU D 210 -39.25 -34.22 -19.69
CA LEU D 210 -40.62 -33.90 -20.08
C LEU D 210 -40.94 -34.44 -21.45
N ILE D 211 -42.16 -34.94 -21.60
CA ILE D 211 -42.69 -35.47 -22.85
C ILE D 211 -43.78 -34.53 -23.34
N LEU D 212 -43.72 -34.16 -24.62
CA LEU D 212 -44.77 -33.37 -25.26
C LEU D 212 -45.42 -34.20 -26.36
N HIS D 213 -46.71 -33.95 -26.58
CA HIS D 213 -47.51 -34.72 -27.52
C HIS D 213 -47.96 -33.85 -28.69
N ASN D 214 -47.97 -34.45 -29.88
CA ASN D 214 -48.39 -33.79 -31.12
C ASN D 214 -47.77 -32.40 -31.27
N GLY D 215 -46.46 -32.35 -31.51
CA GLY D 215 -45.79 -31.08 -31.70
C GLY D 215 -45.04 -31.02 -33.00
N TYR D 216 -44.07 -30.11 -33.10
CA TYR D 216 -43.26 -29.96 -34.29
C TYR D 216 -41.81 -29.73 -33.86
N ARG D 217 -40.90 -29.86 -34.82
CA ARG D 217 -39.47 -29.76 -34.55
C ARG D 217 -38.79 -29.11 -35.74
N TYR D 218 -38.03 -28.05 -35.48
CA TYR D 218 -37.32 -27.32 -36.53
C TYR D 218 -35.85 -27.16 -36.15
N ASP D 219 -34.97 -27.37 -37.13
CA ASP D 219 -33.53 -27.27 -36.94
C ASP D 219 -32.95 -26.41 -38.08
N GLY D 220 -33.27 -25.12 -38.05
CA GLY D 220 -32.78 -24.20 -39.07
C GLY D 220 -32.69 -22.79 -38.54
N ASN D 221 -31.84 -21.98 -39.18
CA ASN D 221 -31.59 -20.61 -38.77
C ASN D 221 -32.53 -19.65 -39.50
N PRO D 222 -32.99 -18.60 -38.81
CA PRO D 222 -34.12 -17.80 -39.34
C PRO D 222 -33.88 -17.22 -40.73
N GLY D 223 -32.69 -16.72 -41.01
CA GLY D 223 -32.49 -16.00 -42.25
C GLY D 223 -31.54 -16.64 -43.25
N GLN D 224 -31.46 -17.98 -43.25
CA GLN D 224 -30.54 -18.69 -44.13
C GLN D 224 -31.24 -19.52 -45.19
N ALA D 225 -32.54 -19.76 -45.06
CA ALA D 225 -33.37 -20.51 -46.02
C ALA D 225 -33.08 -22.00 -45.99
N ASN D 226 -32.31 -22.50 -45.04
CA ASN D 226 -32.12 -23.93 -44.84
C ASN D 226 -32.93 -24.34 -43.61
N TYR D 227 -33.99 -25.11 -43.85
CA TYR D 227 -34.90 -25.53 -42.80
C TYR D 227 -35.33 -26.97 -43.03
N ARG D 228 -35.63 -27.66 -41.92
CA ARG D 228 -36.20 -28.99 -41.94
C ARG D 228 -37.42 -29.02 -41.06
N ALA D 229 -38.40 -29.84 -41.44
CA ALA D 229 -39.63 -30.05 -40.68
C ALA D 229 -39.74 -31.51 -40.31
N ILE D 230 -40.15 -31.78 -39.07
CA ILE D 230 -40.28 -33.13 -38.55
C ILE D 230 -41.66 -33.22 -37.91
N GLN D 231 -42.61 -33.83 -38.61
CA GLN D 231 -43.95 -34.05 -38.10
C GLN D 231 -43.91 -35.25 -37.16
N TYR D 232 -44.00 -34.99 -35.85
CA TYR D 232 -44.10 -36.06 -34.87
C TYR D 232 -45.37 -35.87 -34.06
N ASP D 233 -45.73 -36.93 -33.32
CA ASP D 233 -46.88 -36.90 -32.42
C ASP D 233 -46.51 -37.08 -30.96
N THR D 234 -45.36 -37.70 -30.66
CA THR D 234 -44.87 -37.86 -29.30
C THR D 234 -43.37 -37.61 -29.31
N TYR D 235 -42.89 -36.78 -28.37
CA TYR D 235 -41.47 -36.43 -28.34
C TYR D 235 -41.05 -36.24 -26.89
N GLY D 236 -40.03 -36.98 -26.47
CA GLY D 236 -39.52 -36.85 -25.11
C GLY D 236 -38.16 -36.18 -25.04
N VAL D 237 -38.07 -35.07 -24.32
CA VAL D 237 -36.83 -34.33 -24.15
C VAL D 237 -36.37 -34.46 -22.70
N MET D 238 -35.05 -34.54 -22.52
CA MET D 238 -34.42 -34.60 -21.21
C MET D 238 -33.67 -33.29 -20.99
N LEU D 239 -34.26 -32.41 -20.19
CA LEU D 239 -33.64 -31.13 -19.91
C LEU D 239 -32.57 -31.30 -18.82
N PRO D 240 -31.59 -30.39 -18.77
CA PRO D 240 -30.50 -30.55 -17.80
C PRO D 240 -30.91 -30.26 -16.36
N LYS D 241 -30.22 -29.33 -15.72
CA LYS D 241 -30.44 -29.03 -14.32
C LYS D 241 -31.08 -27.65 -14.15
N PRO D 242 -31.86 -27.45 -13.09
CA PRO D 242 -32.45 -26.13 -12.79
C PRO D 242 -31.40 -25.05 -12.56
N ASP D 252 -20.53 -25.22 -6.80
CA ASP D 252 -20.55 -25.37 -8.25
C ASP D 252 -20.63 -26.85 -8.62
N ALA D 253 -20.75 -27.13 -9.92
CA ALA D 253 -20.92 -28.51 -10.37
C ALA D 253 -19.61 -29.29 -10.37
N VAL D 254 -18.47 -28.62 -10.55
CA VAL D 254 -17.19 -29.31 -10.68
C VAL D 254 -16.64 -29.71 -9.31
N PRO D 255 -16.65 -28.83 -8.28
CA PRO D 255 -16.23 -29.29 -6.95
C PRO D 255 -17.11 -30.41 -6.41
N THR D 256 -16.66 -31.66 -6.58
CA THR D 256 -17.43 -32.82 -6.17
C THR D 256 -16.66 -33.67 -5.18
N ALA D 257 -15.91 -34.65 -5.68
CA ALA D 257 -15.07 -35.50 -4.87
C ALA D 257 -13.76 -35.72 -5.60
N ASP D 258 -12.76 -36.25 -4.87
CA ASP D 258 -11.41 -36.35 -5.39
C ASP D 258 -11.23 -37.64 -6.19
N LEU D 259 -11.94 -37.68 -7.32
CA LEU D 259 -11.70 -38.68 -8.34
C LEU D 259 -10.57 -38.17 -9.24
N PHE D 260 -9.49 -38.93 -9.32
CA PHE D 260 -8.27 -38.43 -9.95
C PHE D 260 -8.48 -38.20 -11.46
N GLY D 261 -7.48 -37.56 -12.06
CA GLY D 261 -7.51 -37.24 -13.48
C GLY D 261 -7.80 -38.43 -14.38
N SER D 262 -9.00 -38.45 -14.95
CA SER D 262 -9.50 -39.54 -15.77
C SER D 262 -9.61 -39.08 -17.23
N ASP D 263 -10.54 -39.67 -17.97
CA ASP D 263 -10.74 -39.27 -19.36
C ASP D 263 -11.22 -37.83 -19.45
N ASN D 264 -12.02 -37.39 -18.49
CA ASN D 264 -12.55 -36.04 -18.49
C ASN D 264 -11.42 -35.04 -18.27
N PRO D 265 -11.18 -34.11 -19.21
CA PRO D 265 -10.13 -33.11 -18.99
C PRO D 265 -10.48 -32.08 -17.91
N ARG D 266 -11.77 -31.86 -17.64
CA ARG D 266 -12.15 -30.91 -16.61
C ARG D 266 -11.74 -31.41 -15.22
N TYR D 267 -11.85 -32.72 -15.00
CA TYR D 267 -11.44 -33.29 -13.71
C TYR D 267 -9.93 -33.24 -13.55
N GLN D 268 -9.18 -33.51 -14.63
CA GLN D 268 -7.74 -33.36 -14.58
C GLN D 268 -7.34 -31.93 -14.27
N ALA D 269 -8.01 -30.97 -14.91
CA ALA D 269 -7.71 -29.56 -14.68
C ALA D 269 -7.99 -29.15 -13.24
N GLU D 270 -9.18 -29.52 -12.74
CA GLU D 270 -9.54 -29.15 -11.37
C GLU D 270 -8.62 -29.82 -10.36
N LEU D 271 -8.18 -31.05 -10.65
CA LEU D 271 -7.19 -31.69 -9.81
C LEU D 271 -5.87 -30.92 -9.86
N GLN D 272 -5.52 -30.38 -11.02
CA GLN D 272 -4.29 -29.58 -11.12
C GLN D 272 -4.39 -28.28 -10.35
N TRP D 273 -5.60 -27.70 -10.25
CA TRP D 273 -5.78 -26.45 -9.53
C TRP D 273 -5.81 -26.66 -8.03
N ARG D 274 -6.69 -27.55 -7.57
CA ARG D 274 -6.72 -27.94 -6.15
C ARG D 274 -5.34 -28.38 -5.68
N LEU D 275 -4.66 -29.19 -6.48
CA LEU D 275 -3.28 -29.56 -6.19
C LEU D 275 -2.33 -28.39 -6.36
N SER D 276 -2.74 -27.35 -7.08
CA SER D 276 -1.84 -26.24 -7.41
C SER D 276 -1.76 -25.22 -6.28
N THR D 277 -2.82 -25.08 -5.48
CA THR D 277 -2.80 -24.08 -4.41
C THR D 277 -1.61 -24.20 -3.45
N PRO D 278 -1.27 -25.38 -2.91
CA PRO D 278 -0.12 -25.42 -1.99
C PRO D 278 1.20 -25.08 -2.66
N LEU D 279 1.42 -25.57 -3.88
CA LEU D 279 2.59 -25.16 -4.64
C LEU D 279 2.63 -23.65 -4.81
N LEU D 280 1.46 -23.03 -4.99
CA LEU D 280 1.38 -21.57 -5.01
C LEU D 280 1.83 -20.98 -3.67
N VAL D 281 1.49 -21.65 -2.56
CA VAL D 281 1.97 -21.21 -1.26
C VAL D 281 3.49 -21.19 -1.22
N PHE D 282 4.12 -22.28 -1.71
CA PHE D 282 5.58 -22.32 -1.77
C PHE D 282 6.14 -21.19 -2.63
N VAL D 283 5.53 -20.96 -3.80
CA VAL D 283 6.03 -19.94 -4.70
C VAL D 283 5.99 -18.56 -4.05
N VAL D 284 4.82 -18.18 -3.51
CA VAL D 284 4.71 -16.86 -2.90
C VAL D 284 5.61 -16.75 -1.69
N THR D 285 5.83 -17.85 -0.97
CA THR D 285 6.81 -17.84 0.12
C THR D 285 8.19 -17.47 -0.40
N LEU D 286 8.58 -18.05 -1.54
CA LEU D 286 9.86 -17.68 -2.14
C LEU D 286 9.86 -16.21 -2.54
N LEU D 287 8.72 -15.70 -3.01
CA LEU D 287 8.66 -14.31 -3.46
C LEU D 287 8.88 -13.34 -2.31
N ALA D 288 8.25 -13.58 -1.17
CA ALA D 288 8.17 -12.59 -0.09
C ALA D 288 9.41 -12.51 0.79
N VAL D 289 10.38 -13.42 0.66
CA VAL D 289 11.58 -13.36 1.50
C VAL D 289 12.49 -12.22 1.03
N PRO D 290 12.85 -12.12 -0.25
CA PRO D 290 13.62 -10.95 -0.68
C PRO D 290 12.77 -9.71 -0.91
N LEU D 291 11.46 -9.87 -1.11
CA LEU D 291 10.56 -8.74 -1.28
C LEU D 291 10.28 -8.03 0.04
N SER D 292 10.82 -8.52 1.15
CA SER D 292 10.64 -7.89 2.45
C SER D 292 11.84 -7.06 2.88
N ARG D 293 12.83 -6.88 1.98
CA ARG D 293 14.01 -6.08 2.30
C ARG D 293 13.63 -4.61 2.33
N VAL D 294 13.08 -4.19 3.46
CA VAL D 294 12.68 -2.80 3.66
C VAL D 294 13.65 -2.16 4.66
N ASN D 295 14.92 -2.54 4.55
CA ASN D 295 15.97 -1.98 5.41
C ASN D 295 16.05 -0.45 5.40
N PRO D 296 15.80 0.28 4.28
CA PRO D 296 15.93 1.74 4.33
C PRO D 296 15.09 2.45 5.37
N ARG D 297 14.28 1.70 6.13
CA ARG D 297 13.49 2.27 7.23
C ARG D 297 12.53 3.34 6.75
N GLN D 298 12.00 3.18 5.52
CA GLN D 298 11.13 4.17 4.93
C GLN D 298 9.84 3.59 4.36
N GLY D 299 9.59 2.29 4.53
CA GLY D 299 8.37 1.70 4.01
C GLY D 299 8.17 0.24 4.33
N ARG D 300 7.44 -0.03 5.41
CA ARG D 300 7.01 -1.40 5.73
C ARG D 300 5.63 -1.69 5.18
N PHE D 301 4.79 -0.68 5.02
CA PHE D 301 3.46 -0.82 4.43
C PHE D 301 3.45 -0.58 2.93
N LEU D 302 4.61 -0.33 2.32
CA LEU D 302 4.64 0.04 0.91
C LEU D 302 4.42 -1.15 -0.01
N LYS D 303 5.10 -2.26 0.27
CA LYS D 303 5.01 -3.45 -0.57
C LYS D 303 3.72 -4.25 -0.38
N LEU D 304 2.85 -3.85 0.55
CA LEU D 304 1.66 -4.63 0.83
C LEU D 304 0.69 -4.61 -0.34
N LEU D 305 0.42 -3.43 -0.89
CA LEU D 305 -0.49 -3.36 -2.04
C LEU D 305 0.08 -4.05 -3.28
N PRO D 306 1.34 -3.85 -3.66
CA PRO D 306 1.89 -4.64 -4.77
C PRO D 306 1.91 -6.13 -4.50
N ALA D 307 1.98 -6.54 -3.23
CA ALA D 307 1.95 -7.96 -2.89
C ALA D 307 0.56 -8.54 -3.09
N ILE D 308 -0.48 -7.83 -2.62
CA ILE D 308 -1.84 -8.30 -2.81
C ILE D 308 -2.20 -8.31 -4.29
N LEU D 309 -1.88 -7.22 -5.00
CA LEU D 309 -2.22 -7.13 -6.41
C LEU D 309 -1.45 -8.14 -7.25
N LEU D 310 -0.15 -8.31 -6.97
CA LEU D 310 0.63 -9.30 -7.70
C LEU D 310 0.14 -10.71 -7.41
N TYR D 311 -0.21 -10.99 -6.14
CA TYR D 311 -0.81 -12.26 -5.80
C TYR D 311 -2.11 -12.50 -6.55
N MET D 312 -2.88 -11.42 -6.78
CA MET D 312 -4.08 -11.54 -7.61
C MET D 312 -3.71 -11.79 -9.07
N GLY D 313 -2.59 -11.25 -9.53
CA GLY D 313 -2.08 -11.60 -10.85
C GLY D 313 -1.62 -13.04 -10.94
N TYR D 314 -1.30 -13.65 -9.80
CA TYR D 314 -1.02 -15.08 -9.76
C TYR D 314 -2.31 -15.90 -9.81
N LEU D 315 -3.23 -15.61 -8.89
CA LEU D 315 -4.44 -16.42 -8.76
C LEU D 315 -5.34 -16.29 -9.99
N ALA D 316 -5.60 -15.05 -10.42
CA ALA D 316 -6.51 -14.83 -11.53
C ALA D 316 -5.96 -15.40 -12.83
N LEU D 317 -4.67 -15.22 -13.08
CA LEU D 317 -4.06 -15.80 -14.28
C LEU D 317 -4.08 -17.32 -14.21
N LEU D 318 -3.85 -17.88 -13.03
CA LEU D 318 -3.93 -19.33 -12.86
C LEU D 318 -5.33 -19.83 -13.18
N ILE D 319 -6.36 -19.09 -12.75
CA ILE D 319 -7.73 -19.45 -13.10
C ILE D 319 -7.97 -19.29 -14.60
N ALA D 320 -7.30 -18.33 -15.23
CA ALA D 320 -7.48 -18.12 -16.66
C ALA D 320 -6.92 -19.29 -17.47
N VAL D 321 -5.67 -19.68 -17.20
CA VAL D 321 -5.10 -20.80 -17.92
C VAL D 321 -5.80 -22.11 -17.53
N ARG D 322 -6.33 -22.18 -16.29
CA ARG D 322 -7.09 -23.36 -15.90
C ARG D 322 -8.42 -23.43 -16.66
N GLY D 323 -8.98 -22.28 -17.03
CA GLY D 323 -10.18 -22.25 -17.84
C GLY D 323 -9.89 -22.58 -19.29
N GLN D 324 -8.75 -22.10 -19.80
CA GLN D 324 -8.33 -22.44 -21.15
C GLN D 324 -7.73 -23.84 -21.25
N LEU D 325 -7.60 -24.54 -20.13
CA LEU D 325 -7.00 -25.87 -20.15
C LEU D 325 -7.91 -26.89 -20.81
N ASP D 326 -9.23 -26.67 -20.79
CA ASP D 326 -10.20 -27.64 -21.28
C ASP D 326 -10.54 -27.42 -22.75
N LYS D 327 -10.81 -26.19 -23.15
CA LYS D 327 -11.24 -25.88 -24.51
C LYS D 327 -10.11 -25.40 -25.42
N GLY D 328 -9.01 -24.93 -24.85
CA GLY D 328 -7.87 -24.51 -25.65
C GLY D 328 -6.86 -25.60 -25.92
N LYS D 329 -7.06 -26.79 -25.36
CA LYS D 329 -6.14 -27.92 -25.48
C LYS D 329 -4.70 -27.50 -25.14
N ILE D 330 -4.54 -27.06 -23.91
CA ILE D 330 -3.21 -26.89 -23.31
C ILE D 330 -2.85 -28.20 -22.62
N PRO D 331 -1.83 -28.92 -23.09
CA PRO D 331 -1.53 -30.25 -22.51
C PRO D 331 -1.38 -30.18 -21.00
N MET D 332 -1.91 -31.21 -20.33
CA MET D 332 -2.03 -31.19 -18.88
C MET D 332 -0.68 -31.27 -18.17
N ALA D 333 0.43 -31.21 -18.88
CA ALA D 333 1.74 -31.08 -18.28
C ALA D 333 2.37 -29.73 -18.53
N ILE D 334 1.74 -28.86 -19.31
CA ILE D 334 2.32 -27.58 -19.69
C ILE D 334 1.75 -26.44 -18.86
N GLY D 335 0.44 -26.23 -18.93
CA GLY D 335 -0.21 -25.03 -18.43
C GLY D 335 0.04 -24.59 -16.99
N LEU D 336 -0.46 -25.34 -16.01
CA LEU D 336 -0.34 -24.91 -14.63
C LEU D 336 1.12 -24.81 -14.21
N TRP D 337 1.93 -25.79 -14.61
CA TRP D 337 3.36 -25.70 -14.33
C TRP D 337 4.02 -24.56 -15.10
N TRP D 338 3.40 -24.12 -16.20
CA TRP D 338 3.86 -22.91 -16.88
C TRP D 338 3.64 -21.68 -16.01
N VAL D 339 2.47 -21.59 -15.36
CA VAL D 339 2.21 -20.46 -14.46
C VAL D 339 3.15 -20.51 -13.26
N HIS D 340 3.12 -21.64 -12.52
CA HIS D 340 4.00 -21.81 -11.38
C HIS D 340 5.45 -21.56 -11.76
N GLY D 341 5.83 -21.88 -13.00
CA GLY D 341 7.18 -21.60 -13.45
C GLY D 341 7.43 -20.14 -13.72
N LEU D 342 6.41 -19.40 -14.16
CA LEU D 342 6.54 -17.96 -14.33
C LEU D 342 6.82 -17.29 -12.99
N PHE D 343 5.92 -17.49 -12.01
CA PHE D 343 6.12 -16.82 -10.73
C PHE D 343 7.33 -17.38 -9.99
N LEU D 344 7.65 -18.66 -10.20
CA LEU D 344 8.89 -19.20 -9.67
C LEU D 344 10.10 -18.46 -10.25
N ALA D 345 10.06 -18.16 -11.54
CA ALA D 345 11.14 -17.39 -12.15
C ALA D 345 11.23 -16.01 -11.53
N ILE D 346 10.08 -15.39 -11.24
CA ILE D 346 10.10 -14.10 -10.54
C ILE D 346 10.84 -14.23 -9.21
N GLY D 347 10.44 -15.19 -8.39
CA GLY D 347 11.08 -15.35 -7.08
C GLY D 347 12.55 -15.66 -7.17
N LEU D 348 12.94 -16.52 -8.12
CA LEU D 348 14.35 -16.84 -8.33
C LEU D 348 15.15 -15.59 -8.68
N LEU D 349 14.63 -14.78 -9.60
CA LEU D 349 15.30 -13.54 -9.98
C LEU D 349 15.49 -12.63 -8.77
N LEU D 350 14.41 -12.39 -8.02
CA LEU D 350 14.50 -11.53 -6.84
C LEU D 350 15.51 -12.07 -5.84
N PHE D 351 15.58 -13.39 -5.68
CA PHE D 351 16.48 -13.97 -4.69
C PHE D 351 17.94 -13.86 -5.14
N TYR D 352 18.19 -14.00 -6.44
CA TYR D 352 19.55 -14.04 -6.96
C TYR D 352 19.95 -12.73 -7.63
N TRP D 353 19.29 -11.62 -7.29
CA TRP D 353 19.75 -10.30 -7.73
C TRP D 353 21.15 -10.00 -7.18
N GLU D 354 21.32 -10.10 -5.85
CA GLU D 354 22.60 -9.71 -5.25
C GLU D 354 23.70 -10.73 -5.51
N PRO D 355 23.48 -12.05 -5.35
CA PRO D 355 24.56 -13.00 -5.67
C PRO D 355 25.07 -12.91 -7.09
N LEU D 356 24.27 -12.42 -8.04
CA LEU D 356 24.79 -12.25 -9.40
C LEU D 356 25.75 -11.07 -9.46
N ARG D 357 25.45 -9.99 -8.73
CA ARG D 357 26.39 -8.89 -8.63
C ARG D 357 27.70 -9.36 -8.01
N LEU D 358 27.60 -10.03 -6.85
CA LEU D 358 28.80 -10.41 -6.12
C LEU D 358 29.63 -11.45 -6.86
N LYS D 359 28.97 -12.39 -7.54
CA LYS D 359 29.70 -13.41 -8.28
C LYS D 359 30.23 -12.90 -9.60
N LEU D 360 29.50 -12.00 -10.27
CA LEU D 360 30.01 -11.38 -11.48
C LEU D 360 31.23 -10.52 -11.17
N ALA D 361 31.23 -9.84 -10.03
CA ALA D 361 32.41 -9.08 -9.62
C ALA D 361 33.60 -10.00 -9.39
N SER D 362 33.36 -11.15 -8.77
CA SER D 362 34.39 -12.16 -8.54
C SER D 362 35.59 -11.59 -7.77
#